data_5JOV
#
_entry.id   5JOV
#
_cell.length_a   76.906
_cell.length_b   108.448
_cell.length_c   144.853
_cell.angle_alpha   90.00
_cell.angle_beta   90.00
_cell.angle_gamma   90.00
#
_symmetry.space_group_name_H-M   'P 21 21 21'
#
loop_
_entity.id
_entity.type
_entity.pdbx_description
1 polymer 'Alpha-xylosidase BoGH31A'
2 non-polymer 'NICKEL (II) ION'
3 non-polymer 1,2-ETHANEDIOL
4 non-polymer '4-(2-HYDROXYETHYL)-1-PIPERAZINE ETHANESULFONIC ACID'
5 non-polymer 5-fluoro-alpha-L-idopyranose
6 water water
#
_entity_poly.entity_id   1
_entity_poly.type   'polypeptide(L)'
_entity_poly.pdbx_seq_one_letter_code
;MGSSHHHHHHSSGLEVLFQGPASNKVYEKTGDSVIVKVQHKETGGPRLVRLQVMGDKLIHVSATADSKFADPQSLIVVPQ
KKQTSFAVVQNGDTITVSTEEVKASVLASTGEVWFTDKNGELILQENKGGGKTFTPIEVEGTKGYTVCQVFESPEDEAFY
GLGQHQADEFNYKGKNEELFQYNTKVSVPFVVSNKNYGILLDSYSFCRFGNPNDYSQLNRIFKLYDKTGQEGALTGTYVP
KKGETLVRREDSIYFENLKTIENLPKKLPLMGAKVTYEGEIEPAQTGEFKFILYYAGYVKVYLNNEPVVPERWRTAWNPN
SYKFAAHLEAGKRVPLKIEWQPDGGQSYCGLRALTPVNPEEQGKQSWWSEMTKQLDYYFMAGENMDDVISGYRSLTGKSP
VMPKWAMGFWQSREKYNTQEEMLGALKGFRDRKIPLDNIVLDWNHWPENAWGSHEFDKARFPDPKAMVDSIHAMHARMMI
SVWPKFYVTTEHFKEFDENGWMYQQSVKDSLKDWVGPGYHYGFYDAYDPDARKLFWKQMYEHYYPLGIDAWWMDASEPNV
RDCTDLEYRKALCGPTALGSSTEFFNAYALMNAEAIYDGQRGVDNNKRVFLLTRSGFAGLQRYSTATWSGDIGTRWEDMK
AQISAGLNFAMSGIPYWTMDIGGFCVENRYVAGQKQWNATKTENADYKEWRELNTRWYQFGAFVPLYRAHGQYPFREIWE
IAPEGHPAYQSVVYYTKLRYNMMPYIYSLAGMTWFDDYTIMRPLVMDFTADAEVNDIGDQFMFGPSFMVSPVYRYGDRSR
EIYFPQAEGWYDFYSGKFQAGGERKVIEAPYERIPLYVRAGAIIPFGDDIQYTDEKPAEHIRLYIYQGADGEFTLYEDEG
VNYNYEQGMYAMIPMKYDEATKTLVIGERQGEFPGMLKERTFTVVTVNKEKAQPFDLNAKGVTVKYNGSEQTLKL
;
_entity_poly.pdbx_strand_id   A
#
loop_
_chem_comp.id
_chem_comp.type
_chem_comp.name
_chem_comp.formula
B9D L-saccharide, alpha linking 5-fluoro-alpha-L-idopyranose 'C6 H11 F O6'
EDO non-polymer 1,2-ETHANEDIOL 'C2 H6 O2'
EPE non-polymer '4-(2-HYDROXYETHYL)-1-PIPERAZINE ETHANESULFONIC ACID' 'C8 H18 N2 O4 S'
NI non-polymer 'NICKEL (II) ION' 'Ni 2'
#
# COMPACT_ATOMS: atom_id res chain seq x y z
N GLY A 2 5.15 -54.87 -6.21
CA GLY A 2 6.06 -53.94 -6.83
C GLY A 2 5.74 -52.56 -6.27
N SER A 3 6.38 -51.55 -6.87
CA SER A 3 6.24 -50.17 -6.39
C SER A 3 4.78 -49.68 -6.55
N SER A 4 4.40 -48.69 -5.73
CA SER A 4 3.10 -48.02 -5.87
CA SER A 4 3.09 -48.03 -5.88
C SER A 4 2.85 -47.57 -7.32
N HIS A 5 3.90 -47.06 -7.97
CA HIS A 5 3.88 -46.63 -9.39
C HIS A 5 3.55 -47.79 -10.33
N HIS A 6 4.24 -48.92 -10.15
CA HIS A 6 3.99 -50.15 -10.95
C HIS A 6 2.50 -50.61 -10.82
N HIS A 7 1.98 -50.61 -9.58
CA HIS A 7 0.60 -51.06 -9.36
C HIS A 7 -0.44 -50.09 -9.96
N HIS A 8 -0.19 -48.78 -9.84
CA HIS A 8 -1.18 -47.78 -10.28
C HIS A 8 -0.49 -46.60 -10.93
N HIS A 9 -0.74 -46.46 -12.21
CA HIS A 9 -0.25 -45.33 -13.04
C HIS A 9 -1.27 -45.12 -14.19
N HIS A 10 -1.37 -43.90 -14.73
CA HIS A 10 -2.14 -43.65 -15.97
C HIS A 10 -1.24 -43.86 -17.22
N SER A 11 -1.78 -43.55 -18.43
CA SER A 11 -0.92 -43.42 -19.67
C SER A 11 -1.42 -42.36 -20.70
N LEU A 17 -5.23 -44.27 -26.28
CA LEU A 17 -6.08 -43.95 -27.43
C LEU A 17 -6.36 -42.42 -27.47
N PHE A 18 -6.19 -41.79 -28.64
CA PHE A 18 -6.36 -40.32 -28.77
C PHE A 18 -7.59 -39.73 -28.06
N GLN A 19 -8.73 -40.40 -28.20
CA GLN A 19 -10.03 -39.90 -27.72
C GLN A 19 -10.68 -40.70 -26.55
N GLY A 20 -9.91 -41.54 -25.83
CA GLY A 20 -10.49 -42.26 -24.66
C GLY A 20 -10.82 -41.30 -23.50
N PRO A 21 -11.50 -41.78 -22.44
CA PRO A 21 -11.79 -40.90 -21.32
C PRO A 21 -10.50 -40.39 -20.68
N ALA A 22 -10.51 -39.13 -20.28
CA ALA A 22 -9.39 -38.46 -19.65
C ALA A 22 -8.88 -39.20 -18.42
N SER A 23 -9.76 -39.91 -17.71
CA SER A 23 -9.36 -40.66 -16.50
C SER A 23 -8.38 -41.78 -16.74
N ASN A 24 -8.20 -42.15 -18.01
CA ASN A 24 -7.13 -43.12 -18.38
C ASN A 24 -5.75 -42.52 -18.61
N LYS A 25 -5.70 -41.20 -18.73
CA LYS A 25 -4.50 -40.52 -19.21
C LYS A 25 -3.79 -39.80 -18.07
N VAL A 26 -2.49 -39.62 -18.24
CA VAL A 26 -1.68 -38.86 -17.29
C VAL A 26 -2.11 -37.37 -17.32
N TYR A 27 -2.48 -36.86 -18.49
CA TYR A 27 -2.90 -35.47 -18.61
C TYR A 27 -4.02 -35.35 -19.65
N GLU A 28 -4.75 -34.25 -19.56
CA GLU A 28 -5.85 -33.94 -20.47
C GLU A 28 -5.66 -32.46 -20.84
N LYS A 29 -5.66 -32.17 -22.12
CA LYS A 29 -5.70 -30.81 -22.63
C LYS A 29 -7.14 -30.46 -22.99
N THR A 30 -7.58 -29.32 -22.49
CA THR A 30 -8.79 -28.69 -22.95
C THR A 30 -8.42 -27.43 -23.75
N GLY A 31 -9.46 -26.68 -24.09
CA GLY A 31 -9.33 -25.38 -24.68
C GLY A 31 -8.14 -24.58 -24.22
N ASP A 32 -8.12 -24.14 -23.00
CA ASP A 32 -7.04 -23.26 -22.53
C ASP A 32 -6.20 -23.79 -21.39
N SER A 33 -6.29 -25.08 -21.09
CA SER A 33 -5.52 -25.58 -19.98
C SER A 33 -5.11 -27.02 -20.21
N VAL A 34 -4.16 -27.44 -19.39
CA VAL A 34 -3.79 -28.85 -19.28
CA VAL A 34 -3.76 -28.84 -19.28
C VAL A 34 -3.89 -29.25 -17.82
N ILE A 35 -4.53 -30.37 -17.57
CA ILE A 35 -4.69 -30.91 -16.22
C ILE A 35 -3.85 -32.18 -16.16
N VAL A 36 -2.91 -32.19 -15.22
CA VAL A 36 -1.98 -33.30 -14.99
C VAL A 36 -2.32 -34.03 -13.67
N LYS A 37 -2.42 -35.36 -13.75
CA LYS A 37 -2.64 -36.21 -12.58
C LYS A 37 -1.28 -36.56 -12.03
N VAL A 38 -1.08 -36.20 -10.77
CA VAL A 38 0.19 -36.50 -10.13
C VAL A 38 0.35 -38.02 -10.00
N GLN A 39 1.49 -38.53 -10.49
CA GLN A 39 1.66 -39.98 -10.59
C GLN A 39 2.29 -40.62 -9.37
N HIS A 40 3.05 -39.84 -8.61
CA HIS A 40 3.58 -40.33 -7.33
CA HIS A 40 3.60 -40.32 -7.33
C HIS A 40 2.95 -39.49 -6.21
N LYS A 41 1.75 -39.84 -5.83
CA LYS A 41 0.99 -39.10 -4.83
CA LYS A 41 0.98 -39.09 -4.83
C LYS A 41 1.61 -39.26 -3.43
N GLU A 42 1.74 -38.15 -2.70
CA GLU A 42 2.23 -38.13 -1.35
C GLU A 42 1.15 -37.65 -0.41
N THR A 43 1.28 -38.03 0.86
CA THR A 43 0.38 -37.56 1.92
C THR A 43 0.54 -36.04 1.99
N GLY A 44 -0.59 -35.36 1.91
CA GLY A 44 -0.63 -33.92 1.91
C GLY A 44 -0.18 -33.27 0.62
N GLY A 45 0.07 -34.04 -0.44
CA GLY A 45 0.47 -33.48 -1.70
C GLY A 45 -0.68 -33.31 -2.66
N PRO A 46 -0.40 -32.66 -3.80
CA PRO A 46 -1.42 -32.50 -4.82
C PRO A 46 -1.81 -33.84 -5.50
N ARG A 47 -3.05 -33.92 -5.91
CA ARG A 47 -3.52 -34.99 -6.78
C ARG A 47 -3.58 -34.51 -8.23
N LEU A 48 -3.99 -33.25 -8.43
CA LEU A 48 -4.12 -32.66 -9.76
C LEU A 48 -3.43 -31.31 -9.79
N VAL A 49 -2.77 -31.04 -10.91
CA VAL A 49 -2.13 -29.73 -11.14
C VAL A 49 -2.59 -29.30 -12.53
N ARG A 50 -3.07 -28.06 -12.63
CA ARG A 50 -3.53 -27.49 -13.91
C ARG A 50 -2.72 -26.26 -14.27
N LEU A 51 -2.31 -26.20 -15.55
CA LEU A 51 -1.74 -24.99 -16.13
C LEU A 51 -2.79 -24.45 -17.10
N GLN A 52 -3.25 -23.21 -16.85
CA GLN A 52 -4.24 -22.55 -17.71
C GLN A 52 -3.59 -21.29 -18.30
N VAL A 53 -3.66 -21.16 -19.63
CA VAL A 53 -3.07 -20.04 -20.28
C VAL A 53 -4.05 -18.86 -20.29
N MET A 54 -3.65 -17.75 -19.66
CA MET A 54 -4.45 -16.55 -19.58
C MET A 54 -4.00 -15.43 -20.54
N GLY A 55 -2.77 -15.54 -21.04
CA GLY A 55 -2.20 -14.53 -21.92
C GLY A 55 -0.83 -14.98 -22.32
N ASP A 56 -0.18 -14.25 -23.23
CA ASP A 56 1.14 -14.68 -23.69
C ASP A 56 2.12 -14.79 -22.51
N LYS A 57 1.99 -13.90 -21.51
CA LYS A 57 2.93 -13.90 -20.40
C LYS A 57 2.27 -14.32 -19.09
N LEU A 58 1.05 -14.86 -19.16
CA LEU A 58 0.20 -15.01 -17.96
C LEU A 58 -0.27 -16.46 -17.82
N ILE A 59 0.14 -17.13 -16.73
CA ILE A 59 -0.22 -18.53 -16.50
C ILE A 59 -0.93 -18.64 -15.15
N HIS A 60 -2.07 -19.29 -15.17
CA HIS A 60 -2.84 -19.59 -13.95
C HIS A 60 -2.57 -21.03 -13.55
N VAL A 61 -1.96 -21.21 -12.38
CA VAL A 61 -1.68 -22.53 -11.86
C VAL A 61 -2.72 -22.86 -10.80
N SER A 62 -3.35 -24.01 -10.94
CA SER A 62 -4.25 -24.52 -9.89
C SER A 62 -3.77 -25.91 -9.44
N ALA A 63 -3.98 -26.22 -8.16
CA ALA A 63 -3.65 -27.55 -7.68
C ALA A 63 -4.64 -27.89 -6.58
N THR A 64 -4.93 -29.18 -6.47
CA THR A 64 -5.82 -29.65 -5.42
C THR A 64 -5.42 -31.05 -4.97
N ALA A 65 -5.76 -31.36 -3.72
CA ALA A 65 -5.69 -32.72 -3.17
C ALA A 65 -6.89 -33.59 -3.54
N ASP A 66 -7.96 -32.95 -4.03
CA ASP A 66 -9.18 -33.66 -4.45
C ASP A 66 -9.00 -34.21 -5.87
N SER A 67 -9.97 -35.03 -6.29
CA SER A 67 -10.00 -35.59 -7.65
C SER A 67 -10.84 -34.77 -8.64
N LYS A 68 -11.24 -33.58 -8.23
CA LYS A 68 -11.77 -32.56 -9.12
C LYS A 68 -11.40 -31.18 -8.54
N PHE A 69 -11.40 -30.16 -9.38
CA PHE A 69 -11.22 -28.78 -8.94
C PHE A 69 -12.56 -28.22 -8.51
N ALA A 70 -12.57 -27.46 -7.40
CA ALA A 70 -13.74 -26.71 -6.96
C ALA A 70 -14.02 -25.51 -7.90
N ASP A 71 -12.96 -24.88 -8.43
CA ASP A 71 -13.08 -23.72 -9.35
C ASP A 71 -14.13 -22.67 -8.96
N PRO A 72 -13.99 -22.12 -7.76
CA PRO A 72 -14.85 -20.97 -7.41
C PRO A 72 -14.55 -19.79 -8.31
N GLN A 73 -15.51 -18.88 -8.42
CA GLN A 73 -15.31 -17.60 -9.11
C GLN A 73 -14.32 -16.73 -8.33
N SER A 74 -13.26 -16.28 -9.00
CA SER A 74 -12.31 -15.38 -8.37
C SER A 74 -12.94 -14.02 -8.05
N LEU A 75 -12.60 -13.47 -6.90
CA LEU A 75 -12.97 -12.09 -6.56
C LEU A 75 -12.05 -11.07 -7.21
N ILE A 76 -10.85 -11.51 -7.61
CA ILE A 76 -9.84 -10.62 -8.08
C ILE A 76 -9.52 -10.65 -9.55
N VAL A 77 -9.54 -11.83 -10.17
CA VAL A 77 -9.15 -11.94 -11.56
C VAL A 77 -10.40 -11.78 -12.43
N VAL A 78 -10.30 -10.88 -13.39
CA VAL A 78 -11.37 -10.55 -14.31
C VAL A 78 -11.26 -11.37 -15.62
N PRO A 79 -12.35 -11.45 -16.39
CA PRO A 79 -12.24 -12.13 -17.70
C PRO A 79 -11.19 -11.48 -18.63
N GLN A 80 -10.45 -12.28 -19.40
CA GLN A 80 -9.43 -11.71 -20.32
C GLN A 80 -10.00 -11.35 -21.72
N LYS A 81 -9.27 -10.47 -22.43
CA LYS A 81 -9.73 -9.85 -23.69
C LYS A 81 -9.77 -10.82 -24.87
N LYS A 82 -8.84 -11.78 -24.91
CA LYS A 82 -8.70 -12.66 -26.08
C LYS A 82 -8.20 -14.02 -25.67
N GLN A 83 -8.47 -15.03 -26.50
CA GLN A 83 -7.90 -16.36 -26.33
C GLN A 83 -6.42 -16.25 -26.73
N THR A 84 -5.60 -17.12 -26.15
CA THR A 84 -4.16 -17.10 -26.39
C THR A 84 -3.74 -18.43 -26.99
N SER A 85 -2.93 -18.37 -28.03
CA SER A 85 -2.51 -19.58 -28.69
C SER A 85 -1.32 -20.19 -27.93
N PHE A 86 -1.29 -21.51 -27.89
CA PHE A 86 -0.21 -22.22 -27.21
C PHE A 86 -0.07 -23.64 -27.72
N ALA A 87 1.10 -24.19 -27.50
CA ALA A 87 1.39 -25.60 -27.76
C ALA A 87 1.60 -26.34 -26.48
N VAL A 88 1.43 -27.65 -26.57
CA VAL A 88 1.73 -28.51 -25.45
C VAL A 88 2.59 -29.65 -26.01
N VAL A 89 3.64 -29.97 -25.25
CA VAL A 89 4.46 -31.12 -25.61
C VAL A 89 4.64 -31.98 -24.34
N GLN A 90 4.35 -33.28 -24.47
N GLN A 90 4.37 -33.29 -24.48
CA GLN A 90 4.69 -34.24 -23.43
CA GLN A 90 4.68 -34.24 -23.42
C GLN A 90 5.91 -35.01 -23.89
C GLN A 90 5.90 -35.03 -23.89
N ASN A 91 6.95 -35.00 -23.05
CA ASN A 91 8.22 -35.63 -23.33
C ASN A 91 8.59 -36.37 -22.06
N GLY A 92 8.24 -37.64 -21.99
CA GLY A 92 8.43 -38.39 -20.77
C GLY A 92 7.65 -37.81 -19.62
N ASP A 93 8.35 -37.59 -18.51
CA ASP A 93 7.75 -37.03 -17.30
C ASP A 93 7.38 -35.53 -17.43
N THR A 94 7.91 -34.85 -18.42
CA THR A 94 7.72 -33.41 -18.51
C THR A 94 6.61 -33.05 -19.50
N ILE A 95 5.70 -32.23 -19.03
CA ILE A 95 4.66 -31.66 -19.89
C ILE A 95 4.89 -30.14 -19.91
N THR A 96 5.05 -29.60 -21.12
CA THR A 96 5.36 -28.17 -21.30
C THR A 96 4.31 -27.46 -22.16
N VAL A 97 3.77 -26.39 -21.60
CA VAL A 97 2.84 -25.50 -22.27
C VAL A 97 3.62 -24.28 -22.69
N SER A 98 3.65 -23.97 -23.99
CA SER A 98 4.42 -22.85 -24.50
CA SER A 98 4.42 -22.86 -24.50
C SER A 98 3.53 -21.84 -25.22
N THR A 99 3.64 -20.58 -24.81
CA THR A 99 3.06 -19.48 -25.58
C THR A 99 4.20 -18.88 -26.38
N GLU A 100 3.96 -17.74 -27.01
CA GLU A 100 5.02 -17.05 -27.72
CA GLU A 100 5.01 -17.02 -27.71
C GLU A 100 6.11 -16.51 -26.79
N GLU A 101 5.80 -16.32 -25.51
CA GLU A 101 6.69 -15.64 -24.57
C GLU A 101 7.17 -16.45 -23.35
N VAL A 102 6.42 -17.47 -22.94
CA VAL A 102 6.81 -18.25 -21.77
CA VAL A 102 6.68 -18.24 -21.71
C VAL A 102 6.54 -19.73 -22.00
N LYS A 103 7.33 -20.55 -21.32
CA LYS A 103 7.16 -22.00 -21.31
C LYS A 103 6.93 -22.38 -19.86
N ALA A 104 5.79 -23.00 -19.59
CA ALA A 104 5.41 -23.46 -18.27
C ALA A 104 5.42 -24.98 -18.30
N SER A 105 6.24 -25.60 -17.46
CA SER A 105 6.36 -27.05 -17.44
C SER A 105 5.93 -27.60 -16.10
N VAL A 106 5.48 -28.86 -16.15
CA VAL A 106 5.08 -29.57 -14.95
C VAL A 106 5.61 -31.02 -15.09
N LEU A 107 6.11 -31.56 -13.97
CA LEU A 107 6.44 -32.97 -13.96
C LEU A 107 5.20 -33.76 -13.57
N ALA A 108 4.91 -34.80 -14.35
CA ALA A 108 3.78 -35.68 -13.98
C ALA A 108 4.01 -36.43 -12.67
N SER A 109 5.24 -36.79 -12.38
CA SER A 109 5.55 -37.56 -11.21
C SER A 109 5.18 -36.85 -9.90
N THR A 110 5.61 -35.57 -9.78
CA THR A 110 5.45 -34.81 -8.53
C THR A 110 4.42 -33.66 -8.61
N GLY A 111 4.12 -33.21 -9.82
CA GLY A 111 3.35 -31.99 -10.00
C GLY A 111 4.13 -30.71 -9.86
N GLU A 112 5.47 -30.79 -9.75
CA GLU A 112 6.24 -29.56 -9.59
C GLU A 112 6.32 -28.77 -10.92
N VAL A 113 6.31 -27.44 -10.81
CA VAL A 113 6.13 -26.53 -11.95
C VAL A 113 7.34 -25.59 -12.05
N TRP A 114 7.73 -25.29 -13.29
CA TRP A 114 8.70 -24.23 -13.51
C TRP A 114 8.40 -23.44 -14.76
N PHE A 115 8.92 -22.23 -14.82
CA PHE A 115 8.66 -21.29 -15.90
C PHE A 115 9.97 -20.83 -16.51
N THR A 116 10.02 -20.81 -17.84
CA THR A 116 11.17 -20.26 -18.58
C THR A 116 10.71 -19.24 -19.58
N ASP A 117 11.67 -18.51 -20.12
CA ASP A 117 11.37 -17.67 -21.25
C ASP A 117 11.35 -18.49 -22.54
N LYS A 118 11.12 -17.81 -23.66
CA LYS A 118 10.96 -18.48 -24.96
C LYS A 118 12.20 -19.27 -25.41
N ASN A 119 13.35 -18.94 -24.84
CA ASN A 119 14.62 -19.59 -25.14
C ASN A 119 15.05 -20.62 -24.08
N GLY A 120 14.19 -20.87 -23.11
CA GLY A 120 14.45 -21.85 -22.07
C GLY A 120 15.25 -21.34 -20.88
N GLU A 121 15.45 -20.00 -20.78
CA GLU A 121 16.16 -19.46 -19.60
C GLU A 121 15.19 -19.47 -18.40
N LEU A 122 15.62 -20.05 -17.30
CA LEU A 122 14.74 -20.17 -16.15
C LEU A 122 14.36 -18.82 -15.55
N ILE A 123 13.08 -18.68 -15.27
CA ILE A 123 12.51 -17.50 -14.61
C ILE A 123 12.19 -17.81 -13.12
N LEU A 124 11.47 -18.92 -12.88
CA LEU A 124 10.98 -19.29 -11.55
C LEU A 124 10.81 -20.79 -11.52
N GLN A 125 11.31 -21.43 -10.46
CA GLN A 125 11.18 -22.88 -10.26
C GLN A 125 10.56 -23.19 -8.91
N GLU A 126 9.56 -24.08 -8.91
CA GLU A 126 9.02 -24.58 -7.66
C GLU A 126 10.08 -25.36 -6.89
N ASN A 127 9.93 -25.36 -5.57
CA ASN A 127 10.72 -26.23 -4.68
C ASN A 127 10.99 -27.57 -5.36
N LYS A 128 12.28 -27.95 -5.42
CA LYS A 128 12.61 -29.18 -6.10
C LYS A 128 11.93 -30.37 -5.42
N GLY A 129 11.32 -31.23 -6.23
CA GLY A 129 10.52 -32.34 -5.76
C GLY A 129 9.09 -32.02 -5.42
N GLY A 130 8.72 -30.74 -5.56
CA GLY A 130 7.40 -30.27 -5.22
C GLY A 130 7.46 -29.38 -4.00
N GLY A 131 6.65 -28.34 -4.03
CA GLY A 131 6.56 -27.38 -2.95
C GLY A 131 5.19 -27.10 -2.42
N LYS A 132 4.23 -27.98 -2.74
CA LYS A 132 2.85 -27.74 -2.35
C LYS A 132 2.38 -28.71 -1.30
N THR A 133 1.74 -28.21 -0.26
CA THR A 133 1.19 -29.04 0.83
CA THR A 133 1.15 -29.10 0.73
C THR A 133 -0.26 -28.61 1.06
N PHE A 134 -1.12 -29.58 1.30
CA PHE A 134 -2.53 -29.38 1.55
C PHE A 134 -2.88 -30.03 2.89
N THR A 135 -3.58 -29.28 3.73
CA THR A 135 -4.09 -29.79 4.98
C THR A 135 -5.58 -29.43 5.06
N PRO A 136 -6.45 -30.41 5.27
CA PRO A 136 -7.88 -30.03 5.36
C PRO A 136 -8.20 -29.10 6.55
N ILE A 137 -9.14 -28.22 6.33
CA ILE A 137 -9.69 -27.35 7.34
C ILE A 137 -11.20 -27.22 7.12
N GLU A 138 -11.93 -27.19 8.23
CA GLU A 138 -13.35 -27.07 8.22
C GLU A 138 -13.71 -25.96 9.19
N VAL A 139 -14.56 -25.05 8.70
CA VAL A 139 -15.06 -23.93 9.50
C VAL A 139 -16.56 -23.77 9.23
N GLU A 140 -17.36 -23.83 10.29
CA GLU A 140 -18.79 -23.60 10.18
C GLU A 140 -19.45 -24.46 9.11
N GLY A 141 -19.04 -25.73 9.02
CA GLY A 141 -19.61 -26.66 8.04
C GLY A 141 -19.10 -26.52 6.61
N THR A 142 -18.18 -25.58 6.37
CA THR A 142 -17.60 -25.38 5.05
C THR A 142 -16.24 -26.02 5.12
N LYS A 143 -15.82 -26.58 4.01
CA LYS A 143 -14.57 -27.27 3.94
C LYS A 143 -13.62 -26.63 2.93
N GLY A 144 -12.35 -26.77 3.25
CA GLY A 144 -11.31 -26.32 2.34
C GLY A 144 -9.95 -26.84 2.76
N TYR A 145 -8.92 -26.13 2.36
CA TYR A 145 -7.53 -26.51 2.66
C TYR A 145 -6.74 -25.32 3.16
N THR A 146 -5.84 -25.60 4.11
CA THR A 146 -4.69 -24.78 4.38
C THR A 146 -3.60 -25.23 3.42
N VAL A 147 -3.01 -24.28 2.70
CA VAL A 147 -2.08 -24.63 1.62
C VAL A 147 -0.77 -23.88 1.80
N CYS A 148 0.32 -24.56 1.48
CA CYS A 148 1.67 -23.97 1.36
CA CYS A 148 1.60 -23.91 1.35
C CYS A 148 2.16 -24.18 -0.03
N GLN A 149 2.76 -23.15 -0.61
CA GLN A 149 3.44 -23.25 -1.90
C GLN A 149 4.81 -22.59 -1.77
N VAL A 150 5.85 -23.36 -2.07
CA VAL A 150 7.21 -22.90 -1.95
C VAL A 150 7.91 -22.95 -3.29
N PHE A 151 8.66 -21.90 -3.59
CA PHE A 151 9.52 -21.85 -4.77
C PHE A 151 10.98 -21.72 -4.37
N GLU A 152 11.86 -22.29 -5.19
CA GLU A 152 13.30 -21.99 -5.11
C GLU A 152 13.47 -20.49 -5.35
N SER A 153 14.52 -19.92 -4.78
CA SER A 153 14.88 -18.51 -4.98
C SER A 153 16.37 -18.32 -4.89
N PRO A 154 16.99 -17.80 -5.95
CA PRO A 154 18.43 -17.62 -5.87
C PRO A 154 18.84 -16.51 -4.89
N GLU A 155 20.12 -16.50 -4.51
CA GLU A 155 20.59 -15.55 -3.51
C GLU A 155 20.45 -14.09 -3.93
N ASP A 156 20.50 -13.85 -5.24
CA ASP A 156 20.42 -12.48 -5.78
C ASP A 156 18.99 -12.03 -6.16
N GLU A 157 18.00 -12.83 -5.81
CA GLU A 157 16.59 -12.43 -6.04
C GLU A 157 16.14 -11.48 -4.93
N ALA A 158 15.36 -10.49 -5.32
CA ALA A 158 14.78 -9.48 -4.43
C ALA A 158 13.28 -9.43 -4.68
N PHE A 159 12.50 -9.16 -3.63
CA PHE A 159 11.05 -9.21 -3.65
C PHE A 159 10.42 -7.92 -3.10
N TYR A 160 9.34 -7.48 -3.76
CA TYR A 160 8.62 -6.25 -3.38
C TYR A 160 7.14 -6.48 -3.48
N GLY A 161 6.38 -5.82 -2.64
CA GLY A 161 4.91 -5.90 -2.73
C GLY A 161 4.34 -6.28 -1.38
N LEU A 162 3.39 -7.23 -1.41
CA LEU A 162 2.66 -7.68 -0.23
C LEU A 162 1.67 -6.70 0.39
N GLY A 163 1.52 -5.52 -0.21
CA GLY A 163 0.71 -4.47 0.35
C GLY A 163 1.51 -3.34 0.97
N GLN A 164 1.03 -2.89 2.11
CA GLN A 164 1.52 -1.72 2.85
C GLN A 164 1.60 -2.10 4.31
N HIS A 165 2.81 -2.37 4.77
CA HIS A 165 3.09 -2.78 6.13
C HIS A 165 3.96 -1.73 6.81
N GLN A 166 4.00 -1.79 8.15
CA GLN A 166 4.52 -0.66 8.95
C GLN A 166 5.74 -1.02 9.76
N ALA A 167 6.51 -2.01 9.29
CA ALA A 167 7.73 -2.45 9.98
C ALA A 167 9.00 -1.93 9.29
N ASP A 168 8.84 -1.01 8.32
CA ASP A 168 9.95 -0.47 7.58
C ASP A 168 10.81 -1.52 6.89
N GLU A 169 10.19 -2.63 6.49
CA GLU A 169 10.90 -3.64 5.70
C GLU A 169 10.93 -3.28 4.21
N PHE A 170 12.07 -3.53 3.58
CA PHE A 170 12.20 -3.28 2.16
C PHE A 170 13.16 -4.27 1.58
N ASN A 171 12.67 -4.94 0.54
CA ASN A 171 13.20 -6.17 -0.05
C ASN A 171 12.89 -7.37 0.85
N TYR A 172 11.88 -8.12 0.45
CA TYR A 172 11.37 -9.22 1.25
C TYR A 172 12.15 -10.52 1.13
N LYS A 173 13.25 -10.52 0.36
CA LYS A 173 14.09 -11.71 0.31
C LYS A 173 14.52 -12.14 1.72
N GLY A 174 14.21 -13.39 2.05
CA GLY A 174 14.55 -13.94 3.35
C GLY A 174 13.73 -13.43 4.52
N LYS A 175 12.67 -12.62 4.23
CA LYS A 175 11.85 -12.02 5.28
CA LYS A 175 11.87 -12.01 5.30
C LYS A 175 10.49 -12.64 5.44
N ASN A 176 9.80 -12.29 6.51
CA ASN A 176 8.49 -12.80 6.86
C ASN A 176 7.48 -11.66 6.94
N GLU A 177 6.24 -11.93 6.50
CA GLU A 177 5.12 -11.01 6.78
C GLU A 177 3.82 -11.77 6.86
N GLU A 178 2.98 -11.36 7.83
CA GLU A 178 1.64 -11.92 8.02
C GLU A 178 0.70 -11.03 7.18
N LEU A 179 -0.21 -11.67 6.44
CA LEU A 179 -1.14 -10.99 5.59
C LEU A 179 -2.57 -11.03 6.15
N PHE A 180 -2.88 -9.99 6.90
CA PHE A 180 -4.21 -9.68 7.42
C PHE A 180 -4.38 -8.14 7.37
N GLN A 181 -5.60 -7.68 7.61
CA GLN A 181 -5.91 -6.27 7.54
C GLN A 181 -6.07 -5.70 8.95
N TYR A 182 -5.42 -4.56 9.20
CA TYR A 182 -5.59 -3.88 10.48
C TYR A 182 -5.08 -2.45 10.32
N ASN A 183 -5.86 -1.47 10.76
CA ASN A 183 -5.53 -0.01 10.70
C ASN A 183 -4.03 0.24 10.59
N THR A 184 -3.64 0.68 9.40
CA THR A 184 -2.26 0.97 8.96
C THR A 184 -1.54 -0.14 8.24
N LYS A 185 -2.14 -1.33 8.22
CA LYS A 185 -1.56 -2.52 7.60
C LYS A 185 -2.54 -3.04 6.57
N VAL A 186 -2.13 -2.98 5.31
CA VAL A 186 -2.94 -3.38 4.16
C VAL A 186 -2.21 -4.55 3.46
N SER A 187 -2.88 -5.68 3.36
CA SER A 187 -2.30 -6.86 2.76
C SER A 187 -2.83 -7.09 1.34
N VAL A 188 -1.89 -7.33 0.42
CA VAL A 188 -2.19 -7.62 -1.00
C VAL A 188 -1.32 -8.84 -1.35
N PRO A 189 -1.94 -9.97 -1.71
CA PRO A 189 -1.17 -11.21 -1.93
C PRO A 189 -0.51 -11.27 -3.32
N PHE A 190 0.39 -10.33 -3.52
CA PHE A 190 1.11 -10.17 -4.78
C PHE A 190 2.54 -9.73 -4.50
N VAL A 191 3.50 -10.37 -5.15
CA VAL A 191 4.89 -10.02 -5.02
C VAL A 191 5.48 -9.89 -6.42
N VAL A 192 6.40 -8.95 -6.56
CA VAL A 192 7.17 -8.77 -7.77
C VAL A 192 8.64 -9.03 -7.47
N SER A 193 9.27 -9.73 -8.36
CA SER A 193 10.68 -10.05 -8.27
C SER A 193 11.53 -9.25 -9.22
N ASN A 194 12.79 -9.00 -8.82
CA ASN A 194 13.76 -8.38 -9.72
C ASN A 194 14.20 -9.30 -10.87
N LYS A 195 13.72 -10.53 -10.83
CA LYS A 195 13.84 -11.46 -11.95
C LYS A 195 12.71 -11.31 -12.95
N ASN A 196 11.95 -10.21 -12.84
CA ASN A 196 10.97 -9.80 -13.86
C ASN A 196 9.82 -10.79 -13.99
N TYR A 197 9.29 -11.19 -12.85
CA TYR A 197 8.01 -11.85 -12.83
C TYR A 197 7.27 -11.42 -11.56
N GLY A 198 5.98 -11.76 -11.54
CA GLY A 198 5.15 -11.57 -10.36
C GLY A 198 4.36 -12.83 -10.07
N ILE A 199 4.01 -12.99 -8.79
CA ILE A 199 3.14 -14.09 -8.32
C ILE A 199 2.00 -13.46 -7.54
N LEU A 200 0.79 -13.79 -7.96
CA LEU A 200 -0.46 -13.40 -7.34
C LEU A 200 -1.13 -14.65 -6.76
N LEU A 201 -1.29 -14.68 -5.44
CA LEU A 201 -1.93 -15.82 -4.76
C LEU A 201 -3.40 -15.46 -4.57
N ASP A 202 -4.25 -16.28 -5.16
CA ASP A 202 -5.69 -16.03 -5.13
C ASP A 202 -6.30 -16.70 -3.89
N SER A 203 -6.10 -16.04 -2.76
CA SER A 203 -6.63 -16.45 -1.47
C SER A 203 -7.14 -15.23 -0.76
N TYR A 204 -8.27 -15.37 -0.03
CA TYR A 204 -8.87 -14.28 0.72
C TYR A 204 -8.72 -14.48 2.23
N SER A 205 -8.06 -15.57 2.64
CA SER A 205 -7.88 -15.86 4.06
C SER A 205 -6.60 -15.16 4.60
N PHE A 206 -6.42 -15.25 5.89
CA PHE A 206 -5.13 -14.96 6.49
CA PHE A 206 -5.11 -14.99 6.51
C PHE A 206 -4.08 -15.78 5.72
N CYS A 207 -2.99 -15.11 5.32
CA CYS A 207 -1.89 -15.71 4.61
C CYS A 207 -0.57 -15.27 5.24
N ARG A 208 0.52 -15.95 4.86
CA ARG A 208 1.84 -15.57 5.30
C ARG A 208 2.82 -15.70 4.12
N PHE A 209 3.75 -14.76 4.03
CA PHE A 209 4.90 -14.84 3.15
C PHE A 209 6.10 -15.15 4.07
N GLY A 210 6.88 -16.15 3.67
CA GLY A 210 8.03 -16.58 4.42
C GLY A 210 7.67 -17.68 5.38
N ASN A 211 8.01 -17.49 6.64
CA ASN A 211 7.82 -18.56 7.64
C ASN A 211 6.32 -18.83 7.79
N PRO A 212 5.87 -20.09 7.65
CA PRO A 212 4.45 -20.36 7.73
C PRO A 212 3.90 -20.42 9.16
N ASN A 213 4.76 -20.37 10.15
CA ASN A 213 4.38 -20.52 11.58
C ASN A 213 4.12 -19.22 12.27
N ASP A 214 3.21 -19.25 13.25
CA ASP A 214 3.11 -18.06 14.13
CA ASP A 214 3.02 -18.21 14.30
C ASP A 214 4.37 -17.92 14.96
N TYR A 215 4.62 -16.68 15.36
CA TYR A 215 5.63 -16.37 16.33
C TYR A 215 5.29 -17.03 17.65
N SER A 216 6.31 -17.27 18.45
CA SER A 216 6.15 -17.90 19.77
C SER A 216 6.39 -16.90 20.92
N GLN A 217 5.65 -17.07 22.00
CA GLN A 217 5.96 -16.35 23.23
C GLN A 217 7.35 -16.75 23.71
N LEU A 218 7.98 -15.83 24.37
CA LEU A 218 9.42 -16.00 24.74
C LEU A 218 9.67 -17.23 25.61
N ASN A 219 8.73 -17.51 26.52
CA ASN A 219 8.89 -18.65 27.42
C ASN A 219 8.73 -20.01 26.70
N ARG A 220 8.27 -20.03 25.45
CA ARG A 220 8.21 -21.30 24.69
C ARG A 220 9.52 -21.64 24.01
N ILE A 221 10.33 -20.61 23.75
CA ILE A 221 11.57 -20.81 23.00
C ILE A 221 12.87 -20.46 23.71
N PHE A 222 12.79 -19.74 24.82
CA PHE A 222 13.97 -19.39 25.61
C PHE A 222 13.75 -19.83 27.05
N LYS A 223 14.86 -20.16 27.73
CA LYS A 223 14.89 -20.14 29.17
C LYS A 223 15.00 -18.65 29.56
N LEU A 224 14.21 -18.25 30.53
CA LEU A 224 14.15 -16.88 31.02
C LEU A 224 14.72 -16.80 32.44
N TYR A 225 15.51 -15.76 32.69
CA TYR A 225 16.03 -15.48 34.02
C TYR A 225 15.69 -14.05 34.38
N ASP A 226 15.24 -13.86 35.61
CA ASP A 226 14.76 -12.56 36.06
C ASP A 226 15.93 -11.62 36.47
N LYS A 227 15.61 -10.41 36.93
CA LYS A 227 16.62 -9.42 37.31
C LYS A 227 17.56 -9.98 38.39
N THR A 228 17.07 -10.90 39.23
CA THR A 228 17.89 -11.52 40.32
C THR A 228 18.59 -12.79 39.88
N GLY A 229 18.39 -13.19 38.63
CA GLY A 229 19.01 -14.38 38.09
C GLY A 229 18.19 -15.66 38.27
N GLN A 230 16.97 -15.54 38.75
CA GLN A 230 16.13 -16.71 38.98
C GLN A 230 15.43 -17.16 37.72
N GLU A 231 15.63 -18.44 37.37
CA GLU A 231 15.05 -19.00 36.17
C GLU A 231 13.52 -19.03 36.25
N GLY A 232 12.89 -18.96 35.08
CA GLY A 232 11.43 -19.16 34.92
C GLY A 232 10.63 -17.93 34.59
N ALA A 233 11.26 -16.78 34.54
CA ALA A 233 10.53 -15.53 34.31
C ALA A 233 11.49 -14.39 33.97
N LEU A 234 10.93 -13.30 33.45
CA LEU A 234 11.60 -12.01 33.44
C LEU A 234 11.03 -11.19 34.62
N THR A 235 11.62 -10.03 34.85
CA THR A 235 11.10 -9.11 35.88
C THR A 235 10.36 -7.96 35.20
N GLY A 236 9.20 -7.62 35.76
CA GLY A 236 8.42 -6.43 35.35
C GLY A 236 8.42 -5.45 36.52
N THR A 237 8.92 -4.24 36.26
CA THR A 237 8.96 -3.16 37.21
C THR A 237 8.04 -2.05 36.69
N TYR A 238 7.02 -1.71 37.48
CA TYR A 238 5.99 -0.76 37.09
C TYR A 238 6.03 0.44 38.02
N VAL A 239 6.51 1.56 37.51
CA VAL A 239 6.61 2.83 38.24
C VAL A 239 5.44 3.70 37.84
N PRO A 240 4.42 3.79 38.72
CA PRO A 240 3.26 4.60 38.34
C PRO A 240 3.57 6.07 38.46
N LYS A 241 2.75 6.90 37.82
CA LYS A 241 2.93 8.33 37.92
C LYS A 241 2.86 8.80 39.39
N LYS A 242 1.89 8.25 40.15
CA LYS A 242 1.78 8.46 41.59
C LYS A 242 1.59 7.11 42.31
N GLY A 243 2.31 6.93 43.42
CA GLY A 243 2.14 5.77 44.28
C GLY A 243 3.35 4.87 44.25
N GLU A 244 3.19 3.69 44.84
CA GLU A 244 4.30 2.77 45.05
C GLU A 244 4.69 2.01 43.77
N THR A 245 6.00 1.82 43.54
CA THR A 245 6.46 0.94 42.47
C THR A 245 6.13 -0.54 42.75
N LEU A 246 5.63 -1.21 41.72
CA LEU A 246 5.35 -2.67 41.82
C LEU A 246 6.43 -3.46 41.02
N VAL A 247 7.00 -4.48 41.65
CA VAL A 247 7.92 -5.38 40.98
C VAL A 247 7.32 -6.78 41.05
N ARG A 248 7.27 -7.47 39.90
CA ARG A 248 6.78 -8.84 39.85
C ARG A 248 7.52 -9.64 38.78
N ARG A 249 7.35 -10.96 38.84
CA ARG A 249 7.85 -11.82 37.80
C ARG A 249 6.81 -11.88 36.67
N GLU A 250 7.30 -11.96 35.45
CA GLU A 250 6.45 -12.05 34.27
C GLU A 250 6.76 -13.38 33.56
N ASP A 251 5.71 -14.12 33.25
CA ASP A 251 5.84 -15.38 32.53
C ASP A 251 6.27 -15.15 31.10
N SER A 252 5.75 -14.07 30.51
CA SER A 252 5.84 -13.77 29.09
C SER A 252 5.54 -12.28 28.92
N ILE A 253 6.10 -11.66 27.90
CA ILE A 253 5.78 -10.29 27.62
C ILE A 253 4.80 -10.35 26.44
N TYR A 254 3.51 -10.32 26.75
CA TYR A 254 2.48 -10.53 25.74
C TYR A 254 1.18 -9.88 26.17
N PHE A 255 1.12 -8.57 25.97
CA PHE A 255 -0.06 -7.78 26.35
C PHE A 255 -0.48 -7.08 25.07
N GLU A 256 -1.16 -7.83 24.20
CA GLU A 256 -1.32 -7.43 22.80
C GLU A 256 -2.74 -7.24 22.30
N ASN A 257 -3.68 -7.52 23.17
CA ASN A 257 -5.10 -7.42 22.77
C ASN A 257 -5.95 -7.33 24.02
N LEU A 258 -7.25 -7.16 23.84
CA LEU A 258 -8.12 -6.89 24.99
C LEU A 258 -8.10 -8.00 26.05
N LYS A 259 -8.00 -9.26 25.61
CA LYS A 259 -7.91 -10.39 26.56
C LYS A 259 -6.59 -10.37 27.34
N THR A 260 -5.46 -10.16 26.66
CA THR A 260 -4.18 -10.30 27.33
C THR A 260 -3.71 -9.09 28.15
N ILE A 261 -4.22 -7.89 27.86
CA ILE A 261 -3.95 -6.74 28.72
C ILE A 261 -4.58 -6.90 30.09
N GLU A 262 -5.53 -7.84 30.24
CA GLU A 262 -6.06 -8.15 31.57
C GLU A 262 -4.99 -8.83 32.44
N ASN A 263 -3.88 -9.27 31.82
CA ASN A 263 -2.76 -9.83 32.59
C ASN A 263 -1.77 -8.82 33.18
N LEU A 264 -1.91 -7.55 32.82
CA LEU A 264 -1.17 -6.48 33.42
C LEU A 264 -1.67 -6.30 34.88
N PRO A 265 -0.85 -5.66 35.73
CA PRO A 265 -1.19 -5.58 37.18
C PRO A 265 -2.49 -4.89 37.42
N LYS A 266 -3.30 -5.47 38.30
CA LYS A 266 -4.67 -5.00 38.47
C LYS A 266 -4.79 -3.61 39.06
N LYS A 267 -3.94 -3.25 40.01
CA LYS A 267 -4.18 -1.97 40.73
C LYS A 267 -3.16 -0.90 40.36
N LEU A 268 -2.75 -0.85 39.10
CA LEU A 268 -1.65 0.02 38.71
C LEU A 268 -1.99 0.82 37.47
N PRO A 269 -2.30 2.11 37.63
CA PRO A 269 -2.72 2.89 36.48
C PRO A 269 -1.56 3.04 35.54
N LEU A 270 -1.83 2.82 34.24
CA LEU A 270 -0.74 2.85 33.26
C LEU A 270 -0.46 4.23 32.66
N MET A 271 -1.39 5.17 32.72
CA MET A 271 -1.16 6.50 32.16
C MET A 271 -0.07 7.22 32.96
N GLY A 272 1.02 7.54 32.28
CA GLY A 272 2.16 8.17 32.97
C GLY A 272 3.09 7.19 33.67
N ALA A 273 2.82 5.88 33.54
CA ALA A 273 3.69 4.89 34.17
C ALA A 273 4.92 4.71 33.32
N LYS A 274 5.97 4.21 33.95
CA LYS A 274 7.20 3.76 33.28
CA LYS A 274 7.17 3.74 33.27
C LYS A 274 7.40 2.30 33.66
N VAL A 275 7.40 1.40 32.67
CA VAL A 275 7.49 -0.01 32.91
C VAL A 275 8.80 -0.53 32.29
N THR A 276 9.50 -1.38 33.05
CA THR A 276 10.71 -1.98 32.56
C THR A 276 10.59 -3.50 32.68
N TYR A 277 10.75 -4.20 31.54
CA TYR A 277 10.82 -5.67 31.53
C TYR A 277 12.29 -6.03 31.32
N GLU A 278 12.84 -6.84 32.19
CA GLU A 278 14.24 -7.17 32.06
C GLU A 278 14.62 -8.51 32.66
N GLY A 279 15.73 -9.01 32.13
CA GLY A 279 16.35 -10.18 32.61
C GLY A 279 17.33 -10.71 31.56
N GLU A 280 17.42 -12.02 31.47
CA GLU A 280 18.26 -12.68 30.48
C GLU A 280 17.47 -13.80 29.80
N ILE A 281 17.80 -14.03 28.54
CA ILE A 281 17.22 -15.11 27.76
C ILE A 281 18.31 -16.06 27.29
N GLU A 282 17.95 -17.34 27.21
CA GLU A 282 18.92 -18.36 26.80
C GLU A 282 18.25 -19.30 25.80
N PRO A 283 18.75 -19.30 24.54
CA PRO A 283 18.17 -20.21 23.56
C PRO A 283 18.76 -21.61 23.65
N ALA A 284 18.06 -22.54 23.03
CA ALA A 284 18.48 -23.94 22.98
C ALA A 284 19.03 -24.34 21.60
N GLN A 285 19.03 -23.41 20.65
CA GLN A 285 19.72 -23.63 19.38
C GLN A 285 20.41 -22.34 18.97
N THR A 286 21.32 -22.49 18.00
CA THR A 286 22.11 -21.44 17.48
C THR A 286 21.58 -20.98 16.12
N GLY A 287 21.56 -19.67 15.93
CA GLY A 287 21.23 -19.09 14.59
C GLY A 287 20.59 -17.73 14.75
N GLU A 288 19.97 -17.24 13.67
CA GLU A 288 19.32 -15.95 13.66
C GLU A 288 17.89 -16.09 14.20
N PHE A 289 17.64 -15.55 15.38
CA PHE A 289 16.29 -15.49 15.95
C PHE A 289 15.64 -14.23 15.40
N LYS A 290 14.38 -14.35 15.01
CA LYS A 290 13.60 -13.27 14.43
C LYS A 290 12.53 -12.85 15.39
N PHE A 291 12.63 -11.63 15.91
CA PHE A 291 11.73 -11.10 16.92
C PHE A 291 10.69 -10.17 16.32
N ILE A 292 9.57 -10.05 17.02
CA ILE A 292 8.53 -9.09 16.67
C ILE A 292 8.06 -8.41 17.95
N LEU A 293 8.13 -7.07 17.95
CA LEU A 293 7.67 -6.25 19.02
C LEU A 293 6.31 -5.65 18.65
N TYR A 294 5.33 -5.77 19.54
CA TYR A 294 4.03 -5.13 19.37
C TYR A 294 3.96 -4.03 20.42
N TYR A 295 3.60 -2.82 20.03
CA TYR A 295 3.74 -1.68 20.92
C TYR A 295 2.71 -0.60 20.68
N ALA A 296 2.26 -0.01 21.79
CA ALA A 296 1.69 1.34 21.81
C ALA A 296 2.28 2.09 22.99
N GLY A 297 2.06 3.39 22.99
CA GLY A 297 2.88 4.24 23.85
C GLY A 297 4.30 4.29 23.33
N TYR A 298 5.21 4.73 24.19
CA TYR A 298 6.63 4.82 23.86
C TYR A 298 7.33 3.54 24.23
N VAL A 299 8.21 3.05 23.36
CA VAL A 299 8.93 1.79 23.64
C VAL A 299 10.36 1.81 23.12
N LYS A 300 11.27 1.21 23.88
CA LYS A 300 12.63 0.95 23.47
C LYS A 300 12.96 -0.50 23.81
N VAL A 301 13.81 -1.15 23.02
CA VAL A 301 14.28 -2.51 23.35
C VAL A 301 15.79 -2.56 23.23
N TYR A 302 16.39 -3.24 24.21
CA TYR A 302 17.80 -3.54 24.18
C TYR A 302 18.01 -5.05 24.29
N LEU A 303 18.93 -5.58 23.49
CA LEU A 303 19.24 -7.00 23.50
C LEU A 303 20.73 -7.14 23.46
N ASN A 304 21.28 -7.87 24.43
CA ASN A 304 22.71 -8.06 24.47
C ASN A 304 23.46 -6.73 24.46
N ASN A 305 22.91 -5.79 25.25
CA ASN A 305 23.44 -4.45 25.40
C ASN A 305 23.45 -3.57 24.10
N GLU A 306 22.62 -3.93 23.12
CA GLU A 306 22.57 -3.23 21.85
C GLU A 306 21.18 -2.62 21.76
N PRO A 307 21.05 -1.37 21.30
CA PRO A 307 19.73 -0.73 21.09
C PRO A 307 19.00 -1.23 19.83
N VAL A 308 18.48 -2.43 19.91
CA VAL A 308 17.88 -3.10 18.78
C VAL A 308 16.58 -2.45 18.34
N VAL A 309 15.87 -1.78 19.25
CA VAL A 309 14.74 -0.97 18.84
C VAL A 309 14.87 0.40 19.53
N PRO A 310 15.47 1.37 18.82
CA PRO A 310 15.40 2.76 19.30
C PRO A 310 13.93 3.22 19.43
N GLU A 311 13.67 4.27 20.18
CA GLU A 311 12.34 4.57 20.66
C GLU A 311 11.35 4.72 19.53
N ARG A 312 10.21 4.04 19.67
CA ARG A 312 9.08 4.19 18.79
C ARG A 312 7.88 4.58 19.59
N TRP A 313 6.87 5.15 18.92
CA TRP A 313 5.61 5.49 19.59
C TRP A 313 4.44 5.30 18.66
N ARG A 314 3.34 4.88 19.26
CA ARG A 314 2.01 5.00 18.69
C ARG A 314 1.10 5.44 19.79
N THR A 315 0.02 6.12 19.43
CA THR A 315 -1.01 6.40 20.42
C THR A 315 -1.47 5.08 21.03
N ALA A 316 -1.90 5.17 22.29
CA ALA A 316 -2.15 3.97 23.11
C ALA A 316 -3.12 2.98 22.48
N TRP A 317 -4.07 3.49 21.71
CA TRP A 317 -5.13 2.65 21.12
C TRP A 317 -4.80 2.07 19.75
N ASN A 318 -3.68 2.45 19.13
CA ASN A 318 -3.36 1.92 17.78
C ASN A 318 -1.94 1.35 17.74
N PRO A 319 -1.72 0.20 18.37
CA PRO A 319 -0.42 -0.43 18.40
C PRO A 319 0.08 -0.84 17.02
N ASN A 320 1.39 -0.96 16.93
CA ASN A 320 2.05 -1.37 15.73
C ASN A 320 3.00 -2.52 16.00
N SER A 321 3.51 -3.15 14.94
CA SER A 321 4.55 -4.15 15.05
C SER A 321 5.85 -3.67 14.41
N TYR A 322 6.95 -4.04 15.04
CA TYR A 322 8.28 -3.77 14.49
C TYR A 322 9.15 -4.98 14.72
N LYS A 323 9.98 -5.33 13.73
CA LYS A 323 10.75 -6.56 13.76
C LYS A 323 12.24 -6.26 13.83
N PHE A 324 12.96 -7.19 14.48
CA PHE A 324 14.41 -7.17 14.50
C PHE A 324 14.89 -8.60 14.66
N ALA A 325 16.15 -8.81 14.28
CA ALA A 325 16.73 -10.13 14.32
C ALA A 325 18.12 -10.09 14.95
N ALA A 326 18.51 -11.20 15.55
CA ALA A 326 19.84 -11.32 16.15
C ALA A 326 20.34 -12.76 16.14
N HIS A 327 21.62 -12.90 15.85
CA HIS A 327 22.28 -14.18 15.97
C HIS A 327 22.52 -14.45 17.46
N LEU A 328 22.01 -15.60 17.93
CA LEU A 328 22.22 -16.06 19.29
C LEU A 328 22.80 -17.48 19.30
N GLU A 329 23.61 -17.76 20.33
CA GLU A 329 24.29 -19.01 20.51
C GLU A 329 23.53 -19.88 21.52
N ALA A 330 23.34 -21.17 21.21
CA ALA A 330 22.69 -22.09 22.14
C ALA A 330 23.39 -22.12 23.50
N GLY A 331 22.60 -22.09 24.57
CA GLY A 331 23.15 -22.21 25.92
C GLY A 331 23.79 -20.96 26.51
N LYS A 332 23.80 -19.86 25.77
CA LYS A 332 24.40 -18.61 26.28
C LYS A 332 23.30 -17.64 26.70
N ARG A 333 23.41 -17.12 27.90
CA ARG A 333 22.44 -16.13 28.38
C ARG A 333 22.80 -14.75 27.82
N VAL A 334 21.79 -14.01 27.34
CA VAL A 334 21.99 -12.63 26.86
C VAL A 334 20.99 -11.73 27.56
N PRO A 335 21.42 -10.53 27.97
CA PRO A 335 20.47 -9.59 28.61
C PRO A 335 19.42 -9.06 27.60
N LEU A 336 18.23 -8.81 28.13
CA LEU A 336 17.09 -8.27 27.40
C LEU A 336 16.47 -7.21 28.29
N LYS A 337 16.15 -6.06 27.69
CA LYS A 337 15.44 -5.01 28.43
C LYS A 337 14.48 -4.28 27.51
N ILE A 338 13.25 -4.16 27.96
CA ILE A 338 12.23 -3.37 27.26
C ILE A 338 11.84 -2.25 28.20
N GLU A 339 11.90 -1.03 27.71
CA GLU A 339 11.44 0.13 28.45
C GLU A 339 10.20 0.67 27.72
N TRP A 340 9.12 0.78 28.48
CA TRP A 340 7.79 1.04 27.96
C TRP A 340 7.08 2.13 28.77
N GLN A 341 6.57 3.18 28.11
CA GLN A 341 5.70 4.17 28.72
C GLN A 341 4.34 4.00 28.06
N PRO A 342 3.43 3.32 28.73
CA PRO A 342 2.15 2.96 28.13
C PRO A 342 1.38 4.14 27.48
N ASP A 343 1.47 5.31 28.10
CA ASP A 343 0.92 6.55 27.53
C ASP A 343 -0.62 6.52 27.38
N GLY A 344 -1.28 5.68 28.17
CA GLY A 344 -2.71 5.61 28.23
C GLY A 344 -3.12 4.64 29.32
N GLY A 345 -4.38 4.70 29.70
CA GLY A 345 -4.92 3.77 30.68
C GLY A 345 -4.99 2.35 30.13
N GLN A 346 -5.10 2.24 28.81
CA GLN A 346 -5.08 0.96 28.11
CA GLN A 346 -5.09 0.97 28.13
C GLN A 346 -4.05 1.10 27.03
N SER A 347 -3.09 0.20 27.02
CA SER A 347 -2.01 0.24 26.08
C SER A 347 -1.44 -1.19 25.91
N TYR A 348 -0.44 -1.34 25.03
CA TYR A 348 -0.02 -2.63 24.54
C TYR A 348 1.51 -2.75 24.51
N CYS A 349 2.00 -3.96 24.81
CA CYS A 349 3.42 -4.29 24.72
C CYS A 349 3.57 -5.80 24.68
N GLY A 350 4.27 -6.29 23.66
CA GLY A 350 4.54 -7.73 23.56
C GLY A 350 5.78 -7.97 22.76
N LEU A 351 6.46 -9.06 23.06
CA LEU A 351 7.64 -9.47 22.33
C LEU A 351 7.58 -10.98 22.13
N ARG A 352 7.73 -11.41 20.89
CA ARG A 352 7.69 -12.83 20.50
C ARG A 352 8.82 -13.09 19.50
N ALA A 353 9.03 -14.37 19.17
CA ALA A 353 10.10 -14.72 18.27
C ALA A 353 9.85 -16.00 17.53
N LEU A 354 10.61 -16.13 16.44
CA LEU A 354 10.74 -17.35 15.69
C LEU A 354 12.13 -17.93 15.90
N THR A 355 12.19 -19.24 16.05
CA THR A 355 13.48 -19.94 16.11
C THR A 355 14.15 -19.91 14.74
N PRO A 356 15.46 -20.06 14.71
CA PRO A 356 16.21 -19.99 13.48
C PRO A 356 15.78 -20.97 12.42
N VAL A 357 15.73 -20.47 11.21
CA VAL A 357 15.46 -21.29 10.04
C VAL A 357 16.73 -21.27 9.20
N ASN A 358 17.20 -22.44 8.77
CA ASN A 358 18.34 -22.56 7.89
C ASN A 358 18.20 -21.57 6.75
N PRO A 359 19.25 -20.78 6.48
CA PRO A 359 19.17 -19.82 5.37
C PRO A 359 18.77 -20.42 4.02
N GLU A 360 19.15 -21.67 3.76
CA GLU A 360 18.70 -22.34 2.51
C GLU A 360 17.17 -22.40 2.41
N GLU A 361 16.50 -22.60 3.53
CA GLU A 361 15.03 -22.64 3.51
C GLU A 361 14.43 -21.27 3.69
N GLN A 362 15.03 -20.44 4.54
CA GLN A 362 14.49 -19.12 4.83
C GLN A 362 14.55 -18.22 3.60
N GLY A 363 15.51 -18.47 2.71
CA GLY A 363 15.61 -17.72 1.48
C GLY A 363 14.58 -18.06 0.41
N LYS A 364 13.93 -19.21 0.52
CA LYS A 364 12.95 -19.59 -0.48
C LYS A 364 11.74 -18.64 -0.46
N GLN A 365 10.99 -18.63 -1.57
CA GLN A 365 9.74 -17.88 -1.63
C GLN A 365 8.65 -18.84 -1.15
N SER A 366 8.08 -18.54 0.00
CA SER A 366 7.11 -19.41 0.65
CA SER A 366 7.08 -19.40 0.60
C SER A 366 5.79 -18.65 0.87
N TRP A 367 4.69 -19.22 0.42
CA TRP A 367 3.35 -18.71 0.65
C TRP A 367 2.58 -19.73 1.49
N TRP A 368 1.81 -19.23 2.43
CA TRP A 368 0.93 -20.01 3.25
C TRP A 368 -0.42 -19.35 3.29
N SER A 369 -1.48 -20.17 3.17
CA SER A 369 -2.85 -19.66 3.13
C SER A 369 -3.71 -20.52 4.06
N GLU A 370 -4.39 -19.87 4.97
CA GLU A 370 -5.18 -20.59 5.94
C GLU A 370 -6.38 -21.35 5.34
N MET A 371 -7.08 -20.77 4.37
CA MET A 371 -8.27 -21.48 3.88
C MET A 371 -8.67 -21.01 2.48
N THR A 372 -8.64 -21.95 1.54
CA THR A 372 -9.19 -21.79 0.19
C THR A 372 -9.80 -23.14 -0.22
N LYS A 373 -10.46 -23.20 -1.38
CA LYS A 373 -11.03 -24.43 -1.86
C LYS A 373 -10.03 -25.29 -2.65
N GLN A 374 -8.96 -24.64 -3.12
CA GLN A 374 -7.87 -25.25 -3.89
C GLN A 374 -6.74 -24.20 -3.87
N LEU A 375 -5.58 -24.57 -4.39
CA LEU A 375 -4.52 -23.63 -4.64
C LEU A 375 -4.72 -23.01 -6.01
N ASP A 376 -4.74 -21.68 -6.03
CA ASP A 376 -4.77 -20.89 -7.25
C ASP A 376 -3.71 -19.79 -7.13
N TYR A 377 -2.79 -19.76 -8.09
CA TYR A 377 -1.90 -18.62 -8.21
C TYR A 377 -1.67 -18.27 -9.66
N TYR A 378 -1.23 -17.03 -9.89
CA TYR A 378 -1.00 -16.54 -11.24
C TYR A 378 0.43 -16.08 -11.34
N PHE A 379 1.10 -16.53 -12.40
CA PHE A 379 2.45 -16.16 -12.75
C PHE A 379 2.37 -15.20 -13.91
N MET A 380 3.07 -14.08 -13.79
CA MET A 380 3.14 -13.12 -14.87
C MET A 380 4.59 -12.75 -15.12
N ALA A 381 5.07 -13.04 -16.31
CA ALA A 381 6.40 -12.66 -16.72
C ALA A 381 6.40 -11.29 -17.37
N GLY A 382 7.56 -10.65 -17.34
CA GLY A 382 7.72 -9.33 -17.97
C GLY A 382 9.11 -9.11 -18.49
N GLU A 383 9.23 -8.18 -19.44
CA GLU A 383 10.54 -7.66 -19.92
C GLU A 383 11.24 -6.82 -18.83
N ASN A 384 10.44 -6.28 -17.92
CA ASN A 384 10.88 -5.45 -16.82
C ASN A 384 9.74 -5.37 -15.80
N MET A 385 9.95 -4.68 -14.69
CA MET A 385 8.96 -4.70 -13.61
CA MET A 385 8.96 -4.65 -13.61
C MET A 385 7.67 -3.97 -14.02
N ASP A 386 7.76 -2.93 -14.85
CA ASP A 386 6.53 -2.34 -15.38
C ASP A 386 5.71 -3.36 -16.18
N ASP A 387 6.38 -4.23 -16.92
CA ASP A 387 5.66 -5.20 -17.71
C ASP A 387 4.97 -6.27 -16.81
N VAL A 388 5.63 -6.60 -15.67
CA VAL A 388 5.01 -7.45 -14.68
C VAL A 388 3.73 -6.80 -14.14
N ILE A 389 3.82 -5.54 -13.77
CA ILE A 389 2.66 -4.79 -13.31
C ILE A 389 1.56 -4.79 -14.38
N SER A 390 1.95 -4.67 -15.65
CA SER A 390 0.96 -4.70 -16.73
C SER A 390 0.21 -6.04 -16.72
N GLY A 391 0.92 -7.15 -16.44
CA GLY A 391 0.28 -8.44 -16.29
C GLY A 391 -0.73 -8.43 -15.15
N TYR A 392 -0.34 -7.85 -14.02
CA TYR A 392 -1.25 -7.74 -12.90
C TYR A 392 -2.52 -6.91 -13.25
N ARG A 393 -2.33 -5.83 -14.02
CA ARG A 393 -3.44 -5.00 -14.48
C ARG A 393 -4.32 -5.74 -15.49
N SER A 394 -3.71 -6.52 -16.36
CA SER A 394 -4.52 -7.34 -17.25
C SER A 394 -5.39 -8.35 -16.44
N LEU A 395 -4.76 -9.00 -15.45
CA LEU A 395 -5.46 -10.03 -14.67
C LEU A 395 -6.51 -9.47 -13.71
N THR A 396 -6.21 -8.35 -13.07
CA THR A 396 -7.08 -7.82 -12.02
C THR A 396 -7.76 -6.49 -12.34
N GLY A 397 -7.50 -5.99 -13.54
CA GLY A 397 -8.18 -4.82 -14.11
C GLY A 397 -7.29 -3.56 -14.19
N LYS A 398 -7.44 -2.81 -15.27
CA LYS A 398 -6.71 -1.56 -15.44
C LYS A 398 -7.16 -0.50 -14.42
N SER A 399 -6.21 0.35 -14.01
CA SER A 399 -6.48 1.53 -13.16
C SER A 399 -7.00 2.69 -14.04
N PRO A 400 -8.27 3.14 -13.84
CA PRO A 400 -8.73 4.35 -14.52
C PRO A 400 -7.84 5.58 -14.22
N VAL A 401 -7.86 6.54 -15.12
CA VAL A 401 -7.18 7.81 -14.88
C VAL A 401 -7.93 8.49 -13.73
N MET A 402 -7.22 8.79 -12.62
CA MET A 402 -7.88 9.56 -11.58
C MET A 402 -8.35 10.93 -12.13
N PRO A 403 -9.45 11.46 -11.58
CA PRO A 403 -9.82 12.82 -12.00
C PRO A 403 -8.68 13.78 -11.78
N LYS A 404 -8.51 14.75 -12.65
CA LYS A 404 -7.32 15.61 -12.60
C LYS A 404 -7.24 16.34 -11.26
N TRP A 405 -8.39 16.78 -10.75
CA TRP A 405 -8.44 17.44 -9.43
C TRP A 405 -7.86 16.58 -8.29
N ALA A 406 -7.95 15.25 -8.40
CA ALA A 406 -7.38 14.39 -7.36
C ALA A 406 -5.85 14.46 -7.31
N MET A 407 -5.21 14.95 -8.38
CA MET A 407 -3.77 15.12 -8.44
C MET A 407 -3.23 16.42 -7.80
N GLY A 408 -4.15 17.27 -7.39
CA GLY A 408 -3.80 18.50 -6.67
C GLY A 408 -3.73 18.27 -5.17
N PHE A 409 -3.66 19.36 -4.43
CA PHE A 409 -3.52 19.26 -3.00
C PHE A 409 -4.89 19.04 -2.35
N TRP A 410 -4.92 18.16 -1.36
CA TRP A 410 -6.07 17.88 -0.53
C TRP A 410 -5.85 18.36 0.90
N GLN A 411 -6.74 19.16 1.42
CA GLN A 411 -6.70 19.51 2.82
C GLN A 411 -7.80 18.83 3.58
N SER A 412 -7.42 18.21 4.70
CA SER A 412 -8.36 17.50 5.52
C SER A 412 -8.10 17.84 7.00
N ARG A 413 -9.01 17.39 7.84
CA ARG A 413 -8.93 17.56 9.26
C ARG A 413 -9.71 16.43 9.94
N GLU A 414 -9.24 15.95 11.10
CA GLU A 414 -10.10 15.15 12.02
C GLU A 414 -10.46 16.12 13.16
N LYS A 415 -11.54 16.91 13.10
CA LYS A 415 -12.48 17.02 12.00
CA LYS A 415 -12.50 17.01 12.01
C LYS A 415 -12.95 18.47 11.90
N TYR A 416 -13.39 18.90 10.71
CA TYR A 416 -14.12 20.16 10.61
C TYR A 416 -15.48 19.92 11.28
N ASN A 417 -15.83 20.79 12.24
CA ASN A 417 -17.02 20.61 13.08
C ASN A 417 -18.28 21.25 12.58
N THR A 418 -18.12 22.24 11.69
CA THR A 418 -19.22 23.00 11.18
C THR A 418 -19.00 23.38 9.73
N GLN A 419 -20.10 23.72 9.08
CA GLN A 419 -20.08 24.24 7.71
C GLN A 419 -19.15 25.45 7.60
N GLU A 420 -19.27 26.37 8.55
CA GLU A 420 -18.46 27.61 8.55
C GLU A 420 -16.96 27.28 8.64
N GLU A 421 -16.61 26.31 9.48
CA GLU A 421 -15.19 25.96 9.66
C GLU A 421 -14.58 25.39 8.37
N MET A 422 -15.31 24.50 7.71
CA MET A 422 -14.81 23.88 6.50
CA MET A 422 -14.76 23.89 6.52
C MET A 422 -14.67 24.92 5.39
N LEU A 423 -15.73 25.73 5.20
CA LEU A 423 -15.68 26.77 4.17
C LEU A 423 -14.62 27.83 4.46
N GLY A 424 -14.41 28.15 5.74
CA GLY A 424 -13.34 29.05 6.16
C GLY A 424 -11.95 28.55 5.82
N ALA A 425 -11.70 27.26 5.95
CA ALA A 425 -10.41 26.72 5.58
C ALA A 425 -10.15 26.82 4.11
N LEU A 426 -11.16 26.47 3.33
CA LEU A 426 -11.05 26.60 1.86
C LEU A 426 -10.76 28.04 1.47
N LYS A 427 -11.60 28.95 1.98
CA LYS A 427 -11.41 30.37 1.64
C LYS A 427 -9.99 30.84 2.08
N GLY A 428 -9.46 30.29 3.17
CA GLY A 428 -8.10 30.63 3.60
C GLY A 428 -7.01 30.34 2.57
N PHE A 429 -7.14 29.23 1.87
CA PHE A 429 -6.22 28.91 0.78
C PHE A 429 -6.35 29.91 -0.35
N ARG A 430 -7.58 30.19 -0.77
CA ARG A 430 -7.81 31.07 -1.91
C ARG A 430 -7.30 32.50 -1.60
N ASP A 431 -7.58 32.95 -0.39
CA ASP A 431 -7.17 34.29 0.05
C ASP A 431 -5.66 34.43 0.15
N ARG A 432 -4.96 33.35 0.48
CA ARG A 432 -3.51 33.35 0.62
C ARG A 432 -2.79 32.97 -0.69
N LYS A 433 -3.55 32.66 -1.74
CA LYS A 433 -3.00 32.17 -3.01
C LYS A 433 -2.10 30.93 -2.80
N ILE A 434 -2.56 30.05 -1.91
CA ILE A 434 -1.93 28.75 -1.76
C ILE A 434 -2.84 27.77 -2.52
N PRO A 435 -2.31 27.11 -3.56
CA PRO A 435 -3.21 26.30 -4.41
C PRO A 435 -3.76 25.08 -3.69
N LEU A 436 -4.96 24.69 -4.09
CA LEU A 436 -5.68 23.60 -3.48
C LEU A 436 -6.81 23.19 -4.38
N ASP A 437 -7.06 21.87 -4.49
CA ASP A 437 -8.21 21.38 -5.23
C ASP A 437 -9.29 20.81 -4.32
N ASN A 438 -8.92 20.12 -3.24
CA ASN A 438 -9.87 19.26 -2.53
C ASN A 438 -9.95 19.56 -1.07
N ILE A 439 -11.17 19.55 -0.54
CA ILE A 439 -11.42 19.79 0.90
C ILE A 439 -12.25 18.63 1.41
N VAL A 440 -11.97 18.16 2.65
CA VAL A 440 -12.51 16.88 3.11
C VAL A 440 -13.28 17.04 4.40
N LEU A 441 -14.50 16.54 4.41
CA LEU A 441 -15.35 16.49 5.61
C LEU A 441 -15.32 15.08 6.21
N ASP A 442 -14.80 14.99 7.43
CA ASP A 442 -14.62 13.74 8.13
C ASP A 442 -15.94 13.33 8.85
N TRP A 443 -15.82 12.30 9.67
CA TRP A 443 -16.88 11.78 10.50
C TRP A 443 -17.51 12.82 11.41
N ASN A 444 -18.61 12.43 12.03
CA ASN A 444 -19.32 13.19 13.06
C ASN A 444 -20.07 14.39 12.51
N HIS A 445 -20.36 14.40 11.21
CA HIS A 445 -21.22 15.43 10.59
C HIS A 445 -22.68 15.19 10.73
N TRP A 446 -23.03 14.01 11.24
CA TRP A 446 -24.40 13.58 11.45
C TRP A 446 -24.84 13.89 12.85
N PRO A 447 -26.14 13.86 13.09
CA PRO A 447 -26.59 13.94 14.50
C PRO A 447 -25.95 12.86 15.34
N GLU A 448 -25.53 13.17 16.56
CA GLU A 448 -24.72 12.23 17.35
C GLU A 448 -25.29 10.81 17.42
N ASN A 449 -26.59 10.68 17.66
CA ASN A 449 -27.18 9.37 17.83
C ASN A 449 -27.55 8.63 16.52
N ALA A 450 -27.04 9.09 15.37
CA ALA A 450 -27.53 8.67 14.07
C ALA A 450 -26.45 8.36 13.04
N TRP A 451 -25.32 7.81 13.53
CA TRP A 451 -24.27 7.30 12.64
C TRP A 451 -24.87 6.26 11.68
N GLY A 452 -24.74 6.49 10.36
CA GLY A 452 -25.29 5.60 9.35
C GLY A 452 -26.56 6.10 8.72
N SER A 453 -27.13 7.16 9.31
CA SER A 453 -28.30 7.81 8.73
C SER A 453 -27.98 8.61 7.49
N HIS A 454 -26.72 9.05 7.37
CA HIS A 454 -26.29 9.88 6.27
C HIS A 454 -27.00 11.20 6.17
N GLU A 455 -27.48 11.67 7.33
CA GLU A 455 -28.05 13.02 7.51
C GLU A 455 -27.04 13.90 8.21
N PHE A 456 -27.18 15.19 7.99
CA PHE A 456 -26.33 16.19 8.64
C PHE A 456 -26.97 16.76 9.89
N ASP A 457 -26.12 17.03 10.87
CA ASP A 457 -26.53 17.78 12.06
C ASP A 457 -26.77 19.22 11.64
N LYS A 458 -28.04 19.62 11.56
CA LYS A 458 -28.39 20.93 11.02
C LYS A 458 -28.02 22.11 11.92
N ALA A 459 -27.72 21.85 13.20
CA ALA A 459 -27.21 22.92 14.06
C ALA A 459 -25.79 23.36 13.59
N ARG A 460 -25.04 22.41 13.08
CA ARG A 460 -23.66 22.64 12.65
C ARG A 460 -23.46 22.75 11.14
N PHE A 461 -24.33 22.10 10.38
CA PHE A 461 -24.34 22.19 8.92
C PHE A 461 -25.76 22.55 8.49
N PRO A 462 -26.12 23.85 8.57
CA PRO A 462 -27.51 24.25 8.33
C PRO A 462 -28.03 24.06 6.92
N ASP A 463 -27.12 24.10 5.94
CA ASP A 463 -27.51 23.94 4.54
C ASP A 463 -26.41 23.20 3.79
N PRO A 464 -26.41 21.86 3.88
CA PRO A 464 -25.37 21.07 3.24
C PRO A 464 -25.26 21.30 1.71
N LYS A 465 -26.38 21.43 0.99
CA LYS A 465 -26.30 21.69 -0.43
C LYS A 465 -25.61 23.02 -0.69
N ALA A 466 -25.96 24.05 0.08
CA ALA A 466 -25.33 25.36 -0.10
C ALA A 466 -23.84 25.30 0.18
N MET A 467 -23.44 24.49 1.15
CA MET A 467 -22.02 24.25 1.46
C MET A 467 -21.28 23.67 0.26
N VAL A 468 -21.83 22.63 -0.32
CA VAL A 468 -21.17 21.99 -1.48
C VAL A 468 -21.13 22.96 -2.65
N ASP A 469 -22.26 23.66 -2.89
CA ASP A 469 -22.28 24.67 -3.96
C ASP A 469 -21.18 25.72 -3.73
N SER A 470 -21.02 26.16 -2.48
CA SER A 470 -19.93 27.12 -2.16
C SER A 470 -18.53 26.58 -2.42
N ILE A 471 -18.31 25.33 -2.08
CA ILE A 471 -17.03 24.65 -2.38
C ILE A 471 -16.80 24.65 -3.89
N HIS A 472 -17.81 24.27 -4.65
CA HIS A 472 -17.68 24.27 -6.11
C HIS A 472 -17.50 25.68 -6.67
N ALA A 473 -18.16 26.66 -6.07
CA ALA A 473 -17.99 28.05 -6.55
C ALA A 473 -16.54 28.55 -6.38
N MET A 474 -15.85 28.00 -5.36
CA MET A 474 -14.44 28.27 -5.16
C MET A 474 -13.54 27.30 -5.89
N HIS A 475 -14.10 26.59 -6.88
CA HIS A 475 -13.33 25.69 -7.76
C HIS A 475 -12.61 24.60 -7.02
N ALA A 476 -13.27 24.11 -5.98
CA ALA A 476 -12.79 22.98 -5.23
C ALA A 476 -13.74 21.82 -5.32
N ARG A 477 -13.27 20.67 -4.84
CA ARG A 477 -14.02 19.46 -4.80
CA ARG A 477 -14.01 19.45 -4.81
C ARG A 477 -14.17 19.00 -3.35
N MET A 478 -15.30 18.35 -3.04
CA MET A 478 -15.59 17.90 -1.68
C MET A 478 -15.58 16.38 -1.60
N MET A 479 -14.84 15.85 -0.63
CA MET A 479 -14.89 14.46 -0.29
C MET A 479 -15.58 14.34 1.09
N ILE A 480 -16.36 13.29 1.27
CA ILE A 480 -17.00 13.02 2.58
C ILE A 480 -16.69 11.64 3.10
N SER A 481 -16.57 11.56 4.42
CA SER A 481 -16.42 10.29 5.16
C SER A 481 -17.70 9.47 5.10
N VAL A 482 -17.55 8.20 4.70
CA VAL A 482 -18.62 7.21 4.77
CA VAL A 482 -18.61 7.20 4.76
C VAL A 482 -18.05 5.91 5.35
N TRP A 483 -18.74 5.33 6.28
CA TRP A 483 -18.29 4.10 6.91
C TRP A 483 -19.24 2.97 6.54
N PRO A 484 -18.78 1.73 6.72
CA PRO A 484 -19.65 0.56 6.58
C PRO A 484 -20.34 0.20 7.92
N LYS A 485 -20.34 1.18 8.82
CA LYS A 485 -20.84 1.08 10.19
C LYS A 485 -22.18 1.82 10.33
N PHE A 486 -23.12 1.20 11.04
CA PHE A 486 -24.46 1.77 11.20
C PHE A 486 -24.90 1.55 12.64
N TYR A 487 -25.47 2.59 13.24
CA TYR A 487 -26.06 2.44 14.57
C TYR A 487 -27.35 1.61 14.48
N VAL A 488 -27.59 0.80 15.50
CA VAL A 488 -28.70 -0.16 15.49
C VAL A 488 -30.06 0.51 15.41
N THR A 489 -30.16 1.76 15.85
CA THR A 489 -31.43 2.47 15.82
C THR A 489 -31.80 3.07 14.47
N THR A 490 -30.86 3.09 13.53
CA THR A 490 -31.09 3.74 12.26
C THR A 490 -31.94 2.87 11.32
N GLU A 491 -32.77 3.52 10.50
CA GLU A 491 -33.55 2.81 9.49
C GLU A 491 -32.60 2.10 8.52
N HIS A 492 -31.46 2.74 8.19
CA HIS A 492 -30.51 2.09 7.30
C HIS A 492 -29.97 0.76 7.88
N PHE A 493 -29.63 0.74 9.17
CA PHE A 493 -29.19 -0.51 9.81
C PHE A 493 -30.28 -1.56 9.69
N LYS A 494 -31.52 -1.15 9.99
CA LYS A 494 -32.65 -2.05 10.01
C LYS A 494 -32.93 -2.65 8.63
N GLU A 495 -32.71 -1.87 7.58
CA GLU A 495 -32.85 -2.42 6.25
C GLU A 495 -31.82 -3.49 5.90
N PHE A 496 -30.57 -3.29 6.26
CA PHE A 496 -29.61 -4.41 6.16
C PHE A 496 -30.04 -5.62 7.01
N ASP A 497 -30.38 -5.34 8.26
CA ASP A 497 -30.59 -6.39 9.24
C ASP A 497 -31.77 -7.30 8.88
N GLU A 498 -32.84 -6.71 8.38
CA GLU A 498 -34.03 -7.48 8.07
C GLU A 498 -33.78 -8.40 6.87
N ASN A 499 -32.75 -8.09 6.06
CA ASN A 499 -32.37 -8.92 4.90
C ASN A 499 -31.21 -9.89 5.23
N GLY A 500 -30.77 -9.91 6.48
CA GLY A 500 -29.68 -10.78 6.91
C GLY A 500 -28.30 -10.30 6.48
N TRP A 501 -28.15 -9.00 6.26
CA TRP A 501 -26.89 -8.42 5.71
C TRP A 501 -26.06 -7.65 6.71
N MET A 502 -26.34 -7.81 7.99
CA MET A 502 -25.55 -7.16 9.07
CA MET A 502 -25.57 -7.16 9.05
C MET A 502 -24.83 -8.22 9.88
N TYR A 503 -23.52 -8.03 10.09
CA TYR A 503 -22.77 -8.91 10.94
C TYR A 503 -23.34 -8.75 12.37
N GLN A 504 -23.59 -9.88 13.03
CA GLN A 504 -24.31 -9.84 14.33
C GLN A 504 -23.44 -9.84 15.58
N GLN A 505 -22.17 -10.23 15.48
CA GLN A 505 -21.41 -10.37 16.71
C GLN A 505 -21.35 -9.09 17.54
N SER A 506 -21.16 -7.95 16.90
CA SER A 506 -21.11 -6.68 17.65
C SER A 506 -22.42 -6.33 18.33
N VAL A 507 -23.51 -6.84 17.75
CA VAL A 507 -24.85 -6.60 18.28
C VAL A 507 -25.10 -7.54 19.44
N LYS A 508 -24.84 -8.81 19.20
CA LYS A 508 -24.95 -9.83 20.25
C LYS A 508 -24.15 -9.52 21.51
N ASP A 509 -22.94 -9.01 21.34
CA ASP A 509 -22.06 -8.68 22.44
C ASP A 509 -22.30 -7.28 23.03
N SER A 510 -23.31 -6.58 22.53
CA SER A 510 -23.70 -5.28 23.08
C SER A 510 -22.54 -4.28 23.08
N LEU A 511 -21.72 -4.29 22.02
CA LEU A 511 -20.61 -3.38 21.96
C LEU A 511 -21.12 -1.96 21.83
N LYS A 512 -20.45 -1.03 22.54
CA LYS A 512 -20.74 0.39 22.44
C LYS A 512 -19.51 1.06 21.88
N ASP A 513 -19.70 2.01 20.99
CA ASP A 513 -18.56 2.79 20.47
C ASP A 513 -18.16 3.91 21.44
N TRP A 514 -17.31 4.81 20.98
CA TRP A 514 -16.67 5.84 21.85
C TRP A 514 -17.41 7.15 21.94
N VAL A 515 -18.52 7.27 21.19
CA VAL A 515 -19.18 8.54 20.97
C VAL A 515 -20.18 8.81 22.07
N GLY A 516 -20.04 9.96 22.75
CA GLY A 516 -21.02 10.37 23.75
C GLY A 516 -21.15 9.28 24.81
N PRO A 517 -22.39 8.82 25.06
CA PRO A 517 -22.60 7.76 26.07
C PRO A 517 -22.19 6.38 25.57
N GLY A 518 -21.87 6.28 24.28
CA GLY A 518 -21.58 5.00 23.64
C GLY A 518 -22.84 4.48 22.99
N TYR A 519 -22.73 4.08 21.73
CA TYR A 519 -23.86 3.58 20.96
C TYR A 519 -23.60 2.18 20.41
N HIS A 520 -24.67 1.40 20.32
CA HIS A 520 -24.66 0.07 19.68
C HIS A 520 -24.63 0.21 18.17
N TYR A 521 -23.94 -0.72 17.53
CA TYR A 521 -23.66 -0.58 16.11
C TYR A 521 -23.36 -1.93 15.48
N GLY A 522 -23.41 -1.98 14.14
CA GLY A 522 -22.86 -3.10 13.41
C GLY A 522 -22.26 -2.66 12.09
N PHE A 523 -21.55 -3.60 11.47
CA PHE A 523 -20.98 -3.45 10.16
C PHE A 523 -21.68 -4.38 9.17
N TYR A 524 -21.94 -3.90 7.95
CA TYR A 524 -22.70 -4.69 6.98
C TYR A 524 -21.84 -5.64 6.19
N ASP A 525 -22.49 -6.68 5.68
CA ASP A 525 -21.81 -7.70 4.90
C ASP A 525 -21.60 -7.29 3.43
N ALA A 526 -20.47 -6.67 3.18
CA ALA A 526 -20.13 -6.23 1.81
C ALA A 526 -19.90 -7.35 0.82
N TYR A 527 -19.78 -8.60 1.27
CA TYR A 527 -19.62 -9.73 0.33
C TYR A 527 -20.96 -10.13 -0.31
N ASP A 528 -22.08 -9.62 0.21
CA ASP A 528 -23.40 -9.92 -0.39
C ASP A 528 -23.67 -8.90 -1.51
N PRO A 529 -23.99 -9.36 -2.73
CA PRO A 529 -24.14 -8.41 -3.85
C PRO A 529 -25.30 -7.44 -3.68
N ASP A 530 -26.35 -7.92 -3.03
CA ASP A 530 -27.53 -7.09 -2.83
C ASP A 530 -27.30 -6.11 -1.69
N ALA A 531 -26.52 -6.53 -0.70
CA ALA A 531 -26.13 -5.62 0.37
C ALA A 531 -25.27 -4.48 -0.19
N ARG A 532 -24.36 -4.80 -1.14
CA ARG A 532 -23.56 -3.74 -1.78
C ARG A 532 -24.47 -2.74 -2.50
N LYS A 533 -25.49 -3.22 -3.20
CA LYS A 533 -26.37 -2.32 -3.92
C LYS A 533 -27.14 -1.45 -2.97
N LEU A 534 -27.51 -1.99 -1.81
CA LEU A 534 -28.25 -1.19 -0.81
C LEU A 534 -27.35 -0.13 -0.20
N PHE A 535 -26.10 -0.51 0.09
CA PHE A 535 -25.14 0.43 0.64
C PHE A 535 -24.94 1.63 -0.28
N TRP A 536 -24.75 1.36 -1.58
CA TRP A 536 -24.66 2.44 -2.55
C TRP A 536 -25.99 3.25 -2.62
N LYS A 537 -27.12 2.56 -2.63
CA LYS A 537 -28.42 3.26 -2.75
C LYS A 537 -28.61 4.27 -1.61
N GLN A 538 -28.23 3.88 -0.40
CA GLN A 538 -28.30 4.83 0.72
C GLN A 538 -27.40 6.06 0.50
N MET A 539 -26.18 5.85 0.01
CA MET A 539 -25.31 6.98 -0.33
C MET A 539 -25.93 7.84 -1.45
N TYR A 540 -26.50 7.15 -2.44
CA TYR A 540 -27.14 7.83 -3.55
C TYR A 540 -28.36 8.71 -3.15
N GLU A 541 -29.14 8.23 -2.19
CA GLU A 541 -30.34 8.96 -1.77
C GLU A 541 -29.99 10.17 -0.86
N HIS A 542 -28.90 10.06 -0.09
CA HIS A 542 -28.61 11.06 0.93
C HIS A 542 -27.45 12.00 0.62
N TYR A 543 -26.39 11.51 -0.02
CA TYR A 543 -25.21 12.33 -0.30
C TYR A 543 -25.04 12.78 -1.73
N TYR A 544 -25.29 11.86 -2.66
CA TYR A 544 -25.10 12.16 -4.08
C TYR A 544 -25.83 13.42 -4.56
N PRO A 545 -27.10 13.67 -4.13
CA PRO A 545 -27.78 14.85 -4.64
C PRO A 545 -27.18 16.18 -4.16
N LEU A 546 -26.34 16.13 -3.12
CA LEU A 546 -25.65 17.34 -2.66
C LEU A 546 -24.54 17.75 -3.60
N GLY A 547 -24.12 16.86 -4.53
CA GLY A 547 -23.05 17.16 -5.46
C GLY A 547 -21.66 16.80 -4.93
N ILE A 548 -21.61 15.99 -3.89
CA ILE A 548 -20.35 15.53 -3.34
C ILE A 548 -19.54 14.75 -4.41
N ASP A 549 -18.23 15.01 -4.51
CA ASP A 549 -17.42 14.57 -5.63
C ASP A 549 -16.69 13.27 -5.39
N ALA A 550 -16.39 12.99 -4.11
CA ALA A 550 -15.47 11.92 -3.77
C ALA A 550 -15.87 11.31 -2.44
N TRP A 551 -15.50 10.06 -2.27
CA TRP A 551 -15.93 9.27 -1.12
C TRP A 551 -14.71 8.79 -0.35
N TRP A 552 -14.80 8.82 0.97
CA TRP A 552 -13.69 8.44 1.85
C TRP A 552 -14.17 7.39 2.83
N MET A 553 -13.83 6.11 2.59
CA MET A 553 -14.35 5.04 3.41
C MET A 553 -13.37 4.69 4.51
N ASP A 554 -13.81 4.85 5.75
CA ASP A 554 -13.00 4.46 6.88
C ASP A 554 -13.34 3.03 7.36
N ALA A 555 -12.41 2.43 8.08
CA ALA A 555 -12.62 1.18 8.84
C ALA A 555 -13.09 0.04 7.95
N SER A 556 -12.51 0.01 6.75
CA SER A 556 -12.84 -0.99 5.75
C SER A 556 -12.05 -2.29 5.87
N GLU A 557 -11.39 -2.52 7.02
CA GLU A 557 -10.67 -3.77 7.23
C GLU A 557 -11.53 -5.06 7.30
N PRO A 558 -12.75 -5.07 7.86
CA PRO A 558 -13.41 -4.04 8.65
C PRO A 558 -12.88 -3.94 10.06
N ASN A 559 -12.88 -2.72 10.61
CA ASN A 559 -12.50 -2.51 11.97
C ASN A 559 -13.71 -2.40 12.87
N VAL A 560 -14.22 -3.57 13.26
CA VAL A 560 -15.44 -3.64 14.06
C VAL A 560 -15.16 -3.30 15.52
N ARG A 561 -14.03 -3.76 16.04
CA ARG A 561 -13.64 -3.43 17.42
CA ARG A 561 -13.64 -3.45 17.41
C ARG A 561 -12.11 -3.42 17.45
N ASP A 562 -11.55 -2.37 18.06
CA ASP A 562 -10.09 -2.20 18.10
C ASP A 562 -9.47 -3.28 18.99
N CYS A 563 -8.29 -3.70 18.58
CA CYS A 563 -7.34 -4.40 19.45
C CYS A 563 -7.79 -5.76 19.95
N THR A 564 -8.48 -6.49 19.09
CA THR A 564 -8.95 -7.83 19.44
C THR A 564 -8.06 -8.89 18.79
N ASP A 565 -8.06 -10.07 19.37
CA ASP A 565 -7.29 -11.17 18.82
C ASP A 565 -7.90 -11.71 17.51
N LEU A 566 -7.14 -12.55 16.83
CA LEU A 566 -7.51 -13.06 15.54
C LEU A 566 -8.85 -13.79 15.58
N GLU A 567 -9.02 -14.64 16.60
CA GLU A 567 -10.26 -15.44 16.73
C GLU A 567 -11.48 -14.52 16.86
N TYR A 568 -11.40 -13.49 17.72
CA TYR A 568 -12.54 -12.58 17.86
C TYR A 568 -12.70 -11.69 16.62
N ARG A 569 -11.63 -11.28 15.95
CA ARG A 569 -11.81 -10.50 14.71
C ARG A 569 -12.58 -11.31 13.68
N LYS A 570 -12.25 -12.61 13.57
CA LYS A 570 -12.98 -13.47 12.66
C LYS A 570 -14.46 -13.55 13.05
N ALA A 571 -14.74 -13.66 14.35
CA ALA A 571 -16.15 -13.70 14.79
C ALA A 571 -16.89 -12.42 14.45
N LEU A 572 -16.20 -11.28 14.55
CA LEU A 572 -16.82 -9.99 14.29
C LEU A 572 -17.15 -9.72 12.85
N CYS A 573 -16.51 -10.41 11.91
CA CYS A 573 -16.72 -10.07 10.51
C CYS A 573 -17.25 -11.23 9.65
N GLY A 574 -18.01 -12.12 10.27
CA GLY A 574 -18.70 -13.18 9.56
C GLY A 574 -19.86 -13.74 10.35
N PRO A 575 -20.56 -14.72 9.79
CA PRO A 575 -20.33 -15.27 8.45
C PRO A 575 -20.62 -14.29 7.31
N THR A 576 -20.02 -14.55 6.17
CA THR A 576 -20.25 -13.76 4.99
C THR A 576 -21.14 -14.49 3.99
N ALA A 577 -21.68 -13.74 3.03
CA ALA A 577 -22.52 -14.34 1.97
C ALA A 577 -21.79 -15.42 1.16
N LEU A 578 -20.46 -15.38 1.14
CA LEU A 578 -19.68 -16.35 0.38
C LEU A 578 -19.15 -17.55 1.16
N GLY A 579 -19.24 -17.46 2.49
CA GLY A 579 -18.58 -18.43 3.33
C GLY A 579 -18.14 -17.83 4.64
N SER A 580 -17.33 -18.59 5.37
CA SER A 580 -16.83 -18.14 6.65
C SER A 580 -15.88 -16.95 6.50
N SER A 581 -15.73 -16.18 7.57
CA SER A 581 -14.76 -15.08 7.58
C SER A 581 -13.36 -15.61 7.61
N THR A 582 -13.18 -16.89 7.98
CA THR A 582 -11.86 -17.49 7.87
C THR A 582 -11.43 -17.59 6.40
N GLU A 583 -12.37 -17.99 5.55
CA GLU A 583 -12.10 -18.07 4.10
C GLU A 583 -12.11 -16.71 3.44
N PHE A 584 -13.04 -15.86 3.89
CA PHE A 584 -13.25 -14.54 3.32
C PHE A 584 -12.90 -13.48 4.35
N PHE A 585 -11.60 -13.27 4.53
CA PHE A 585 -11.06 -12.45 5.64
C PHE A 585 -10.51 -11.09 5.21
N ASN A 586 -9.93 -11.03 4.01
CA ASN A 586 -9.08 -9.91 3.64
C ASN A 586 -9.60 -9.01 2.54
N ALA A 587 -10.78 -9.32 1.97
CA ALA A 587 -11.25 -8.60 0.76
C ALA A 587 -12.39 -7.61 0.98
N TYR A 588 -12.65 -7.22 2.22
CA TYR A 588 -13.80 -6.34 2.50
C TYR A 588 -13.70 -4.97 1.82
N ALA A 589 -12.50 -4.40 1.76
CA ALA A 589 -12.36 -3.11 1.14
C ALA A 589 -12.60 -3.19 -0.38
N LEU A 590 -12.23 -4.31 -0.96
CA LEU A 590 -12.45 -4.53 -2.39
C LEU A 590 -13.94 -4.62 -2.70
N MET A 591 -14.67 -5.33 -1.85
CA MET A 591 -16.09 -5.45 -2.01
C MET A 591 -16.78 -4.08 -1.92
N ASN A 592 -16.34 -3.28 -0.95
CA ASN A 592 -16.89 -1.93 -0.83
C ASN A 592 -16.54 -1.03 -2.00
N ALA A 593 -15.33 -1.16 -2.51
CA ALA A 593 -14.93 -0.38 -3.68
C ALA A 593 -15.78 -0.71 -4.89
N GLU A 594 -16.09 -2.01 -5.07
CA GLU A 594 -17.03 -2.43 -6.13
CA GLU A 594 -17.03 -2.41 -6.15
C GLU A 594 -18.38 -1.74 -5.94
N ALA A 595 -18.88 -1.75 -4.71
CA ALA A 595 -20.21 -1.17 -4.46
C ALA A 595 -20.30 0.28 -4.87
N ILE A 596 -19.27 1.03 -4.56
CA ILE A 596 -19.26 2.49 -4.82
C ILE A 596 -18.94 2.77 -6.27
N TYR A 597 -17.91 2.13 -6.85
CA TYR A 597 -17.58 2.40 -8.25
C TYR A 597 -18.67 1.96 -9.22
N ASP A 598 -19.11 0.72 -9.07
CA ASP A 598 -20.17 0.23 -9.94
C ASP A 598 -21.46 0.99 -9.64
N GLY A 599 -21.69 1.32 -8.37
CA GLY A 599 -22.85 2.10 -8.02
C GLY A 599 -22.89 3.45 -8.71
N GLN A 600 -21.82 4.20 -8.58
CA GLN A 600 -21.82 5.56 -9.12
C GLN A 600 -21.82 5.54 -10.65
N ARG A 601 -21.04 4.66 -11.27
CA ARG A 601 -21.08 4.58 -12.73
C ARG A 601 -22.43 4.09 -13.23
N GLY A 602 -23.15 3.37 -12.40
CA GLY A 602 -24.55 2.96 -12.74
C GLY A 602 -25.50 4.11 -12.78
N VAL A 603 -25.26 5.13 -11.97
CA VAL A 603 -26.10 6.35 -11.96
C VAL A 603 -25.64 7.31 -13.07
N ASP A 604 -24.33 7.45 -13.25
CA ASP A 604 -23.77 8.37 -14.25
C ASP A 604 -22.49 7.78 -14.76
N ASN A 605 -22.56 7.14 -15.92
CA ASN A 605 -21.45 6.38 -16.43
C ASN A 605 -20.30 7.26 -16.87
N ASN A 606 -20.53 8.56 -17.08
CA ASN A 606 -19.52 9.51 -17.59
CA ASN A 606 -19.39 9.33 -17.60
C ASN A 606 -18.67 10.17 -16.52
N LYS A 607 -19.20 10.29 -15.33
CA LYS A 607 -18.57 11.03 -14.27
C LYS A 607 -17.44 10.21 -13.59
N ARG A 608 -16.25 10.78 -13.43
CA ARG A 608 -15.19 10.00 -12.75
C ARG A 608 -15.55 9.71 -11.32
N VAL A 609 -15.04 8.56 -10.86
CA VAL A 609 -15.22 8.10 -9.49
C VAL A 609 -13.91 8.29 -8.74
N PHE A 610 -14.02 8.74 -7.50
CA PHE A 610 -12.90 8.76 -6.56
C PHE A 610 -13.34 8.16 -5.24
N LEU A 611 -12.66 7.09 -4.83
CA LEU A 611 -12.80 6.51 -3.50
C LEU A 611 -11.41 6.38 -2.86
N LEU A 612 -11.31 6.81 -1.61
CA LEU A 612 -10.12 6.57 -0.79
C LEU A 612 -10.57 5.68 0.35
N THR A 613 -9.88 4.56 0.54
CA THR A 613 -10.28 3.60 1.56
C THR A 613 -9.08 3.22 2.46
N ARG A 614 -9.35 2.81 3.70
CA ARG A 614 -8.27 2.56 4.65
C ARG A 614 -7.60 1.20 4.47
N SER A 615 -8.34 0.24 3.94
CA SER A 615 -7.79 -1.06 3.64
C SER A 615 -7.59 -1.20 2.13
N GLY A 616 -7.47 -2.42 1.65
CA GLY A 616 -7.18 -2.63 0.24
C GLY A 616 -6.99 -4.12 0.01
N PHE A 617 -6.87 -4.49 -1.26
CA PHE A 617 -6.63 -5.88 -1.64
C PHE A 617 -6.26 -5.89 -3.12
N ALA A 618 -5.84 -7.05 -3.64
CA ALA A 618 -5.60 -7.18 -5.08
C ALA A 618 -6.85 -6.81 -5.82
N GLY A 619 -6.66 -6.15 -6.97
CA GLY A 619 -7.75 -5.68 -7.79
C GLY A 619 -8.34 -4.33 -7.46
N LEU A 620 -7.95 -3.73 -6.31
CA LEU A 620 -8.59 -2.52 -5.86
C LEU A 620 -8.58 -1.41 -6.92
N GLN A 621 -7.49 -1.34 -7.69
CA GLN A 621 -7.29 -0.27 -8.62
C GLN A 621 -8.34 -0.24 -9.72
N ARG A 622 -8.98 -1.38 -10.00
CA ARG A 622 -9.96 -1.37 -11.09
C ARG A 622 -11.21 -0.57 -10.77
N TYR A 623 -11.38 -0.22 -9.50
CA TYR A 623 -12.54 0.55 -9.03
C TYR A 623 -12.19 2.02 -8.77
N SER A 624 -11.12 2.53 -9.44
CA SER A 624 -10.71 3.92 -9.24
C SER A 624 -10.65 4.28 -7.75
N THR A 625 -9.95 3.41 -7.00
CA THR A 625 -9.89 3.47 -5.58
C THR A 625 -8.41 3.49 -5.16
N ALA A 626 -8.09 4.41 -4.25
CA ALA A 626 -6.81 4.52 -3.60
C ALA A 626 -6.91 4.09 -2.15
N THR A 627 -5.75 3.75 -1.57
CA THR A 627 -5.62 3.45 -0.14
C THR A 627 -4.83 4.57 0.52
N TRP A 628 -5.11 4.83 1.79
CA TRP A 628 -4.21 5.65 2.60
C TRP A 628 -3.71 4.82 3.76
N SER A 629 -2.57 5.20 4.28
CA SER A 629 -1.86 4.37 5.26
C SER A 629 -2.38 4.41 6.70
N GLY A 630 -3.54 5.04 6.89
CA GLY A 630 -4.26 4.95 8.16
C GLY A 630 -3.69 5.76 9.32
N ASP A 631 -4.05 5.32 10.52
CA ASP A 631 -3.80 6.14 11.73
C ASP A 631 -2.38 6.00 12.29
N ILE A 632 -1.41 6.40 11.47
CA ILE A 632 -0.02 6.40 11.83
C ILE A 632 0.31 7.56 12.80
N GLY A 633 1.44 7.46 13.48
CA GLY A 633 1.81 8.48 14.45
C GLY A 633 2.53 9.70 13.88
N THR A 634 2.46 10.79 14.63
CA THR A 634 3.25 11.99 14.36
C THR A 634 4.69 11.72 14.83
N ARG A 635 5.39 10.91 14.04
CA ARG A 635 6.70 10.41 14.43
C ARG A 635 7.60 10.31 13.22
N TRP A 636 8.87 10.63 13.44
CA TRP A 636 9.88 10.53 12.38
C TRP A 636 10.00 9.08 11.87
N GLU A 637 9.92 8.12 12.79
CA GLU A 637 10.06 6.73 12.39
C GLU A 637 8.85 6.29 11.57
N ASP A 638 7.65 6.82 11.87
CA ASP A 638 6.48 6.51 11.02
C ASP A 638 6.61 7.16 9.66
N MET A 639 7.16 8.40 9.61
CA MET A 639 7.41 9.04 8.33
CA MET A 639 7.40 9.03 8.33
C MET A 639 8.32 8.15 7.48
N LYS A 640 9.42 7.69 8.08
CA LYS A 640 10.35 6.83 7.36
C LYS A 640 9.66 5.58 6.86
N ALA A 641 8.84 4.99 7.72
CA ALA A 641 8.13 3.72 7.41
C ALA A 641 7.18 3.93 6.24
N GLN A 642 6.67 5.16 6.06
CA GLN A 642 5.73 5.42 4.96
C GLN A 642 6.42 5.37 3.61
N ILE A 643 7.71 5.66 3.56
CA ILE A 643 8.41 5.57 2.32
C ILE A 643 8.42 4.11 1.80
N SER A 644 8.88 3.20 2.66
CA SER A 644 8.93 1.78 2.30
C SER A 644 7.53 1.20 2.11
N ALA A 645 6.58 1.58 2.98
CA ALA A 645 5.21 1.13 2.83
C ALA A 645 4.58 1.55 1.51
N GLY A 646 4.76 2.80 1.13
CA GLY A 646 4.22 3.29 -0.13
C GLY A 646 4.87 2.61 -1.33
N LEU A 647 6.17 2.33 -1.23
CA LEU A 647 6.87 1.68 -2.33
C LEU A 647 6.41 0.24 -2.51
N ASN A 648 6.26 -0.49 -1.40
CA ASN A 648 5.70 -1.81 -1.49
C ASN A 648 4.28 -1.81 -2.00
N PHE A 649 3.49 -0.82 -1.61
CA PHE A 649 2.11 -0.77 -2.08
C PHE A 649 2.06 -0.56 -3.59
N ALA A 650 2.90 0.35 -4.09
CA ALA A 650 3.00 0.56 -5.52
C ALA A 650 3.39 -0.73 -6.25
N MET A 651 4.34 -1.48 -5.69
CA MET A 651 4.77 -2.75 -6.26
CA MET A 651 4.77 -2.74 -6.28
C MET A 651 3.74 -3.86 -6.14
N SER A 652 2.68 -3.61 -5.38
CA SER A 652 1.55 -4.51 -5.26
C SER A 652 0.53 -4.25 -6.33
N GLY A 653 0.81 -3.28 -7.21
CA GLY A 653 0.04 -3.08 -8.43
C GLY A 653 -1.00 -1.98 -8.40
N ILE A 654 -1.07 -1.28 -7.27
CA ILE A 654 -2.14 -0.28 -7.04
C ILE A 654 -1.47 1.11 -7.05
N PRO A 655 -1.76 1.95 -8.08
CA PRO A 655 -0.88 3.10 -8.32
C PRO A 655 -1.32 4.39 -7.66
N TYR A 656 -2.47 4.42 -7.00
CA TYR A 656 -2.88 5.62 -6.27
C TYR A 656 -2.95 5.25 -4.78
N TRP A 657 -2.21 6.04 -4.01
CA TRP A 657 -1.94 5.78 -2.61
C TRP A 657 -1.60 7.13 -1.98
N THR A 658 -1.86 7.22 -0.70
CA THR A 658 -1.55 8.43 0.06
C THR A 658 -1.38 8.10 1.56
N MET A 659 -1.11 9.16 2.30
CA MET A 659 -0.78 9.08 3.73
C MET A 659 -1.22 10.37 4.36
N ASP A 660 -1.43 10.32 5.67
CA ASP A 660 -1.68 11.56 6.43
C ASP A 660 -0.40 12.34 6.61
N ILE A 661 -0.17 13.36 5.78
CA ILE A 661 1.02 14.21 5.98
C ILE A 661 0.99 14.77 7.39
N GLY A 662 2.12 14.62 8.09
CA GLY A 662 2.28 15.01 9.50
C GLY A 662 1.99 13.94 10.53
N GLY A 663 1.33 12.88 10.11
CA GLY A 663 0.86 11.82 10.93
C GLY A 663 -0.55 12.07 11.43
N PHE A 664 -1.21 10.98 11.81
CA PHE A 664 -2.59 11.05 12.28
C PHE A 664 -2.70 11.33 13.76
N CYS A 665 -2.19 10.40 14.56
CA CYS A 665 -2.32 10.47 16.00
C CYS A 665 -1.12 11.20 16.61
N VAL A 666 -1.44 12.13 17.51
CA VAL A 666 -0.51 13.17 17.89
C VAL A 666 0.02 12.97 19.31
N GLU A 667 1.33 13.10 19.47
CA GLU A 667 1.92 13.04 20.82
C GLU A 667 1.35 14.16 21.71
N ASN A 668 1.10 13.90 22.97
CA ASN A 668 0.53 14.90 23.85
C ASN A 668 1.35 16.19 23.89
N ARG A 669 2.69 16.06 23.85
CA ARG A 669 3.54 17.24 23.91
C ARG A 669 3.33 18.20 22.74
N TYR A 670 2.93 17.68 21.58
CA TYR A 670 2.63 18.53 20.44
C TYR A 670 1.33 19.29 20.59
N VAL A 671 0.33 18.64 21.20
CA VAL A 671 -0.91 19.32 21.50
C VAL A 671 -0.64 20.45 22.50
N ALA A 672 0.15 20.17 23.55
CA ALA A 672 0.48 21.19 24.52
C ALA A 672 1.27 22.34 23.87
N GLY A 673 2.13 22.02 22.89
CA GLY A 673 2.88 23.05 22.15
C GLY A 673 1.94 23.98 21.40
N GLN A 674 0.95 23.38 20.74
CA GLN A 674 -0.02 24.19 20.03
C GLN A 674 -0.85 25.07 20.95
N LYS A 675 -1.26 24.52 22.07
CA LYS A 675 -2.07 25.30 23.02
CA LYS A 675 -2.08 25.31 23.00
C LYS A 675 -1.27 26.49 23.54
N GLN A 676 0.02 26.26 23.77
CA GLN A 676 0.91 27.35 24.17
C GLN A 676 1.03 28.40 23.08
N TRP A 677 1.19 27.97 21.82
CA TRP A 677 1.21 28.90 20.71
C TRP A 677 -0.07 29.74 20.65
N ASN A 678 -1.19 29.08 20.82
CA ASN A 678 -2.47 29.80 20.74
C ASN A 678 -2.58 30.87 21.84
N ALA A 679 -2.09 30.54 23.04
CA ALA A 679 -2.21 31.45 24.19
C ALA A 679 -1.18 32.59 24.23
N THR A 680 0.02 32.32 23.71
CA THR A 680 1.17 33.22 23.90
C THR A 680 2.01 33.55 22.72
N LYS A 681 1.83 32.85 21.58
CA LYS A 681 2.67 33.03 20.41
C LYS A 681 4.13 32.90 20.78
N THR A 682 4.40 31.93 21.65
CA THR A 682 5.75 31.46 21.93
C THR A 682 5.83 29.97 21.61
N GLU A 683 6.97 29.59 21.04
CA GLU A 683 7.28 28.27 20.58
C GLU A 683 8.15 27.54 21.61
N ASN A 684 7.64 26.44 22.17
CA ASN A 684 8.44 25.61 23.09
C ASN A 684 9.20 24.57 22.26
N ALA A 685 10.09 23.80 22.92
CA ALA A 685 10.94 22.89 22.17
C ALA A 685 10.12 21.85 21.39
N ASP A 686 9.00 21.42 21.96
CA ASP A 686 8.17 20.43 21.29
C ASP A 686 7.50 21.04 20.04
N TYR A 687 7.06 22.28 20.15
CA TYR A 687 6.37 22.94 19.05
C TYR A 687 7.34 23.23 17.89
N LYS A 688 8.62 23.49 18.22
CA LYS A 688 9.64 23.61 17.21
C LYS A 688 9.75 22.31 16.41
N GLU A 689 9.79 21.20 17.13
CA GLU A 689 9.84 19.89 16.48
C GLU A 689 8.60 19.63 15.61
N TRP A 690 7.41 19.94 16.13
CA TRP A 690 6.17 19.84 15.37
C TRP A 690 6.27 20.49 14.01
N ARG A 691 6.79 21.73 14.01
CA ARG A 691 6.96 22.47 12.75
C ARG A 691 7.92 21.80 11.78
N GLU A 692 9.03 21.27 12.31
CA GLU A 692 10.02 20.65 11.46
C GLU A 692 9.51 19.29 10.91
N LEU A 693 8.82 18.53 11.75
CA LEU A 693 8.21 17.25 11.35
C LEU A 693 7.24 17.49 10.21
N ASN A 694 6.33 18.46 10.39
CA ASN A 694 5.38 18.76 9.32
C ASN A 694 6.06 19.26 8.06
N THR A 695 7.08 20.10 8.19
CA THR A 695 7.77 20.60 7.02
C THR A 695 8.36 19.44 6.21
N ARG A 696 9.10 18.55 6.88
CA ARG A 696 9.69 17.44 6.18
C ARG A 696 8.63 16.50 5.57
N TRP A 697 7.51 16.35 6.27
CA TRP A 697 6.51 15.38 5.82
C TRP A 697 5.74 15.95 4.62
N TYR A 698 5.50 17.26 4.60
CA TYR A 698 4.90 17.90 3.41
C TYR A 698 5.86 17.79 2.22
N GLN A 699 7.16 18.00 2.47
CA GLN A 699 8.12 17.87 1.37
C GLN A 699 8.07 16.49 0.68
N PHE A 700 8.02 15.46 1.51
CA PHE A 700 7.84 14.08 1.04
C PHE A 700 6.50 13.87 0.34
N GLY A 701 5.44 14.29 0.99
CA GLY A 701 4.07 14.14 0.44
C GLY A 701 3.79 14.78 -0.89
N ALA A 702 4.49 15.87 -1.20
CA ALA A 702 4.37 16.51 -2.50
C ALA A 702 4.76 15.60 -3.67
N PHE A 703 5.45 14.50 -3.38
CA PHE A 703 5.92 13.57 -4.41
C PHE A 703 5.35 12.14 -4.26
N VAL A 704 4.19 12.01 -3.57
CA VAL A 704 3.48 10.74 -3.55
C VAL A 704 2.24 10.88 -4.46
N PRO A 705 1.57 9.75 -4.78
CA PRO A 705 0.55 9.88 -5.83
C PRO A 705 -0.57 10.86 -5.50
N LEU A 706 -1.08 10.86 -4.27
CA LEU A 706 -2.04 11.86 -3.84
C LEU A 706 -1.45 12.66 -2.67
N TYR A 707 -1.47 13.97 -2.84
CA TYR A 707 -0.82 14.93 -1.93
C TYR A 707 -1.85 15.47 -0.97
N ARG A 708 -1.80 15.01 0.28
CA ARG A 708 -2.93 15.18 1.22
C ARG A 708 -2.45 15.35 2.65
N ALA A 709 -2.96 16.38 3.33
CA ALA A 709 -2.70 16.54 4.77
C ALA A 709 -3.94 16.22 5.58
N HIS A 710 -3.78 15.45 6.63
CA HIS A 710 -4.87 15.05 7.51
C HIS A 710 -4.31 14.69 8.85
N GLY A 711 -5.17 14.81 9.87
CA GLY A 711 -4.83 14.26 11.15
C GLY A 711 -5.60 14.89 12.28
N GLN A 712 -5.33 14.38 13.48
CA GLN A 712 -5.92 14.92 14.69
C GLN A 712 -5.26 16.26 15.06
N TYR A 713 -5.94 16.97 15.96
CA TYR A 713 -5.49 18.26 16.46
C TYR A 713 -4.01 18.18 16.88
N PRO A 714 -3.14 19.13 16.50
CA PRO A 714 -3.40 20.47 15.93
C PRO A 714 -3.99 20.50 14.52
N PHE A 715 -4.58 21.65 14.17
CA PHE A 715 -5.01 21.90 12.82
C PHE A 715 -3.83 21.81 11.87
N ARG A 716 -4.12 21.38 10.64
CA ARG A 716 -3.06 21.04 9.69
C ARG A 716 -2.93 21.96 8.48
N GLU A 717 -3.77 22.98 8.37
CA GLU A 717 -3.51 24.00 7.34
C GLU A 717 -2.16 24.69 7.62
N ILE A 718 -1.39 24.95 6.58
CA ILE A 718 -0.04 25.40 6.80
C ILE A 718 0.06 26.66 7.66
N TRP A 719 -0.87 27.60 7.51
CA TRP A 719 -0.84 28.81 8.32
C TRP A 719 -1.12 28.59 9.79
N GLU A 720 -1.67 27.42 10.15
CA GLU A 720 -1.83 27.04 11.59
C GLU A 720 -0.54 26.47 12.14
N ILE A 721 0.21 25.76 11.30
CA ILE A 721 1.47 25.15 11.70
C ILE A 721 2.50 26.24 11.95
N ALA A 722 2.59 27.22 11.03
CA ALA A 722 3.56 28.31 11.17
C ALA A 722 3.08 29.52 10.38
N PRO A 723 3.42 30.73 10.82
CA PRO A 723 2.93 31.91 10.14
C PRO A 723 3.74 32.24 8.89
N GLU A 724 3.14 33.05 8.03
CA GLU A 724 3.81 33.57 6.84
C GLU A 724 5.17 34.11 7.20
N GLY A 725 6.16 33.74 6.41
CA GLY A 725 7.51 34.19 6.69
C GLY A 725 8.35 33.21 7.45
N HIS A 726 7.70 32.32 8.21
CA HIS A 726 8.42 31.28 8.93
C HIS A 726 8.93 30.28 7.92
N PRO A 727 10.15 29.74 8.10
CA PRO A 727 10.68 28.75 7.16
C PRO A 727 9.75 27.54 6.83
N ALA A 728 8.97 27.09 7.81
CA ALA A 728 8.02 25.96 7.57
C ALA A 728 6.94 26.39 6.61
N TYR A 729 6.38 27.57 6.83
CA TYR A 729 5.37 28.10 5.89
C TYR A 729 5.97 28.27 4.51
N GLN A 730 7.14 28.91 4.44
CA GLN A 730 7.76 29.20 3.13
C GLN A 730 8.01 27.89 2.39
N SER A 731 8.51 26.89 3.09
CA SER A 731 8.84 25.60 2.46
C SER A 731 7.60 24.88 1.95
N VAL A 732 6.61 24.76 2.82
CA VAL A 732 5.42 24.01 2.46
C VAL A 732 4.66 24.71 1.32
N VAL A 733 4.59 26.05 1.38
CA VAL A 733 3.95 26.76 0.25
C VAL A 733 4.77 26.59 -1.04
N TYR A 734 6.10 26.56 -0.95
CA TYR A 734 6.95 26.31 -2.12
C TYR A 734 6.56 24.95 -2.77
N TYR A 735 6.48 23.89 -1.97
CA TYR A 735 6.20 22.57 -2.49
C TYR A 735 4.76 22.42 -2.98
N THR A 736 3.84 23.11 -2.32
CA THR A 736 2.45 23.11 -2.76
C THR A 736 2.35 23.77 -4.13
N LYS A 737 2.98 24.94 -4.29
CA LYS A 737 3.03 25.58 -5.59
C LYS A 737 3.74 24.70 -6.65
N LEU A 738 4.83 24.06 -6.27
CA LEU A 738 5.62 23.26 -7.19
C LEU A 738 4.79 22.06 -7.74
N ARG A 739 3.94 21.49 -6.88
CA ARG A 739 3.03 20.43 -7.28
C ARG A 739 2.22 20.91 -8.48
N TYR A 740 1.76 22.15 -8.41
CA TYR A 740 0.93 22.69 -9.50
C TYR A 740 1.76 23.10 -10.72
N ASN A 741 2.98 23.63 -10.54
CA ASN A 741 3.83 23.82 -11.71
C ASN A 741 4.16 22.51 -12.42
N MET A 742 4.25 21.43 -11.64
CA MET A 742 4.50 20.09 -12.18
C MET A 742 3.28 19.41 -12.76
N MET A 743 2.11 20.07 -12.69
CA MET A 743 0.88 19.40 -13.05
C MET A 743 0.87 18.80 -14.48
N PRO A 744 1.51 19.47 -15.48
CA PRO A 744 1.55 18.82 -16.81
C PRO A 744 2.25 17.46 -16.81
N TYR A 745 3.32 17.37 -16.03
CA TYR A 745 4.02 16.09 -15.82
C TYR A 745 3.20 15.12 -15.00
N ILE A 746 2.67 15.58 -13.87
CA ILE A 746 1.95 14.71 -12.96
C ILE A 746 0.69 14.10 -13.61
N TYR A 747 -0.08 14.92 -14.32
CA TYR A 747 -1.25 14.40 -14.96
C TYR A 747 -0.94 13.49 -16.13
N SER A 748 0.20 13.70 -16.78
CA SER A 748 0.68 12.72 -17.76
C SER A 748 0.94 11.36 -17.13
N LEU A 749 1.48 11.34 -15.90
CA LEU A 749 1.66 10.07 -15.16
C LEU A 749 0.30 9.41 -14.92
N ALA A 750 -0.69 10.23 -14.51
CA ALA A 750 -2.01 9.71 -14.29
C ALA A 750 -2.61 9.09 -15.56
N GLY A 751 -2.45 9.78 -16.69
CA GLY A 751 -2.89 9.18 -17.95
C GLY A 751 -2.21 7.85 -18.23
N MET A 752 -0.91 7.77 -17.93
CA MET A 752 -0.08 6.57 -18.12
CA MET A 752 -0.21 6.55 -18.23
C MET A 752 -0.59 5.40 -17.26
N THR A 753 -1.18 5.68 -16.10
CA THR A 753 -1.67 4.60 -15.27
C THR A 753 -2.66 3.71 -16.04
N TRP A 754 -3.53 4.34 -16.83
CA TRP A 754 -4.50 3.62 -17.66
C TRP A 754 -3.88 3.17 -18.97
N PHE A 755 -3.29 4.09 -19.73
CA PHE A 755 -2.85 3.77 -21.10
C PHE A 755 -1.61 2.88 -21.18
N ASP A 756 -0.74 2.91 -20.16
CA ASP A 756 0.54 2.19 -20.16
CA ASP A 756 0.54 2.19 -20.18
C ASP A 756 0.71 1.29 -18.94
N ASP A 757 -0.37 1.09 -18.17
CA ASP A 757 -0.31 0.25 -16.94
C ASP A 757 0.82 0.70 -16.03
N TYR A 758 0.92 2.02 -15.88
CA TYR A 758 2.03 2.65 -15.17
C TYR A 758 1.82 2.68 -13.66
N THR A 759 2.94 3.00 -13.01
CA THR A 759 3.06 3.13 -11.56
C THR A 759 3.77 4.46 -11.28
N ILE A 760 3.24 5.25 -10.36
CA ILE A 760 3.66 6.65 -10.15
C ILE A 760 4.83 6.78 -9.14
N MET A 761 4.63 6.23 -7.96
CA MET A 761 5.64 6.21 -6.89
C MET A 761 6.40 4.91 -6.98
N ARG A 762 7.68 4.99 -7.33
CA ARG A 762 8.40 3.83 -7.86
C ARG A 762 9.70 3.58 -7.08
N PRO A 763 9.89 2.37 -6.57
CA PRO A 763 11.20 2.11 -5.96
C PRO A 763 12.27 2.14 -7.06
N LEU A 764 13.48 2.44 -6.66
CA LEU A 764 14.61 2.52 -7.59
C LEU A 764 14.83 1.23 -8.38
N VAL A 765 14.48 0.09 -7.80
CA VAL A 765 14.61 -1.18 -8.46
C VAL A 765 13.82 -1.26 -9.76
N MET A 766 12.74 -0.47 -9.91
CA MET A 766 11.96 -0.57 -11.17
C MET A 766 12.73 -0.07 -12.38
N ASP A 767 13.40 1.07 -12.27
CA ASP A 767 14.07 1.70 -13.40
C ASP A 767 15.55 1.36 -13.43
N PHE A 768 16.08 0.86 -12.30
CA PHE A 768 17.52 0.58 -12.13
C PHE A 768 17.78 -0.85 -11.67
N THR A 769 16.99 -1.80 -12.18
CA THR A 769 17.04 -3.21 -11.79
C THR A 769 18.46 -3.77 -11.96
N ALA A 770 19.15 -3.33 -13.02
CA ALA A 770 20.51 -3.80 -13.30
C ALA A 770 21.58 -3.31 -12.31
N ASP A 771 21.28 -2.33 -11.46
CA ASP A 771 22.20 -1.86 -10.41
C ASP A 771 21.74 -2.45 -9.10
N ALA A 772 22.32 -3.58 -8.73
CA ALA A 772 21.87 -4.28 -7.52
C ALA A 772 22.09 -3.50 -6.21
N GLU A 773 22.87 -2.42 -6.25
CA GLU A 773 23.01 -1.54 -5.08
CA GLU A 773 23.00 -1.52 -5.11
C GLU A 773 21.68 -0.89 -4.67
N VAL A 774 20.70 -0.80 -5.59
CA VAL A 774 19.42 -0.23 -5.25
C VAL A 774 18.45 -1.20 -4.58
N ASN A 775 18.77 -2.49 -4.53
CA ASN A 775 17.78 -3.46 -4.12
C ASN A 775 17.19 -3.23 -2.72
N ASP A 776 18.03 -2.77 -1.77
CA ASP A 776 17.57 -2.61 -0.41
C ASP A 776 17.23 -1.14 -0.07
N ILE A 777 17.25 -0.24 -1.04
CA ILE A 777 17.01 1.18 -0.78
C ILE A 777 15.52 1.44 -0.77
N GLY A 778 14.98 1.62 0.44
CA GLY A 778 13.61 1.92 0.69
C GLY A 778 13.35 3.30 1.23
N ASP A 779 14.34 4.20 1.14
CA ASP A 779 14.22 5.60 1.62
C ASP A 779 14.54 6.63 0.55
N GLN A 780 14.53 6.22 -0.70
CA GLN A 780 14.59 7.08 -1.87
C GLN A 780 13.60 6.47 -2.86
N PHE A 781 13.10 7.26 -3.80
CA PHE A 781 12.19 6.72 -4.81
C PHE A 781 12.13 7.63 -6.02
N MET A 782 11.56 7.10 -7.11
CA MET A 782 11.30 7.89 -8.31
C MET A 782 9.85 8.31 -8.30
N PHE A 783 9.61 9.57 -8.66
CA PHE A 783 8.26 10.12 -8.86
C PHE A 783 8.12 10.24 -10.37
N GLY A 784 7.42 9.29 -10.97
CA GLY A 784 7.46 9.16 -12.39
C GLY A 784 8.85 8.72 -12.86
N PRO A 785 9.12 8.92 -14.15
CA PRO A 785 10.37 8.45 -14.70
C PRO A 785 11.57 9.29 -14.35
N SER A 786 11.36 10.55 -13.96
CA SER A 786 12.44 11.52 -14.02
C SER A 786 13.02 12.06 -12.70
N PHE A 787 12.20 12.13 -11.66
CA PHE A 787 12.61 12.73 -10.42
C PHE A 787 12.94 11.66 -9.38
N MET A 788 14.13 11.75 -8.79
CA MET A 788 14.52 10.92 -7.64
C MET A 788 14.38 11.77 -6.39
N VAL A 789 13.54 11.30 -5.46
CA VAL A 789 13.20 12.00 -4.23
C VAL A 789 13.84 11.24 -3.04
N SER A 790 14.47 11.99 -2.13
CA SER A 790 15.17 11.40 -0.97
C SER A 790 14.78 12.15 0.30
N PRO A 791 13.66 11.76 0.95
CA PRO A 791 13.19 12.47 2.12
C PRO A 791 14.19 12.53 3.25
N VAL A 792 14.12 13.61 4.00
CA VAL A 792 14.84 13.71 5.27
C VAL A 792 13.87 13.33 6.37
N TYR A 793 14.27 12.36 7.19
CA TYR A 793 13.33 11.78 8.18
C TYR A 793 13.95 11.68 9.57
N ARG A 794 14.85 12.61 9.88
CA ARG A 794 15.40 12.76 11.24
CA ARG A 794 15.35 12.75 11.25
C ARG A 794 15.36 14.23 11.63
N TYR A 795 14.84 14.51 12.80
CA TYR A 795 14.83 15.86 13.35
C TYR A 795 16.27 16.41 13.46
N GLY A 796 16.47 17.63 13.00
CA GLY A 796 17.76 18.32 13.12
C GLY A 796 18.70 18.04 11.99
N ASP A 797 18.42 17.05 11.15
CA ASP A 797 19.34 16.78 10.07
C ASP A 797 19.29 17.84 8.97
N ARG A 798 20.47 18.23 8.51
CA ARG A 798 20.60 19.22 7.45
C ARG A 798 21.37 18.66 6.26
N SER A 799 21.43 17.33 6.22
CA SER A 799 22.03 16.58 5.13
C SER A 799 21.55 15.13 5.28
N ARG A 800 21.78 14.34 4.25
CA ARG A 800 21.55 12.90 4.33
C ARG A 800 22.36 12.21 3.27
N GLU A 801 22.67 10.94 3.50
CA GLU A 801 23.32 10.12 2.50
CA GLU A 801 23.32 10.11 2.49
C GLU A 801 22.31 9.73 1.40
N ILE A 802 22.76 9.80 0.15
CA ILE A 802 22.00 9.44 -1.03
C ILE A 802 22.86 8.57 -1.92
N TYR A 803 22.28 7.44 -2.38
CA TYR A 803 22.88 6.65 -3.43
C TYR A 803 22.29 7.06 -4.75
N PHE A 804 23.15 7.43 -5.70
CA PHE A 804 22.77 7.81 -7.06
C PHE A 804 22.93 6.56 -7.91
N PRO A 805 21.80 6.00 -8.40
CA PRO A 805 21.94 4.83 -9.26
C PRO A 805 22.84 5.06 -10.48
N GLN A 806 23.40 3.96 -10.97
CA GLN A 806 24.19 3.95 -12.18
C GLN A 806 23.32 4.47 -13.34
N ALA A 807 23.83 5.48 -14.03
CA ALA A 807 23.11 6.21 -15.06
C ALA A 807 24.11 7.16 -15.65
N GLU A 808 23.74 7.74 -16.79
CA GLU A 808 24.59 8.70 -17.45
C GLU A 808 24.85 9.89 -16.53
N GLY A 809 23.86 10.23 -15.72
CA GLY A 809 24.02 11.29 -14.76
C GLY A 809 22.73 11.72 -14.13
N TRP A 810 22.88 12.62 -13.19
CA TRP A 810 21.81 13.17 -12.40
C TRP A 810 22.05 14.71 -12.29
N TYR A 811 20.99 15.46 -12.05
CA TYR A 811 21.07 16.89 -11.87
C TYR A 811 20.29 17.29 -10.66
N ASP A 812 20.89 18.10 -9.81
CA ASP A 812 20.12 18.71 -8.70
C ASP A 812 19.03 19.59 -9.31
N PHE A 813 17.79 19.36 -8.90
CA PHE A 813 16.67 20.09 -9.52
C PHE A 813 16.80 21.59 -9.28
N TYR A 814 17.18 21.98 -8.05
CA TYR A 814 17.11 23.38 -7.69
C TYR A 814 18.16 24.24 -8.40
N SER A 815 19.37 23.68 -8.53
CA SER A 815 20.55 24.40 -9.06
C SER A 815 20.92 23.99 -10.48
N GLY A 816 20.50 22.79 -10.88
CA GLY A 816 20.96 22.20 -12.13
C GLY A 816 22.34 21.60 -12.13
N LYS A 817 23.01 21.52 -10.96
CA LYS A 817 24.36 21.00 -10.87
C LYS A 817 24.38 19.49 -11.11
N PHE A 818 25.38 19.05 -11.85
CA PHE A 818 25.56 17.68 -12.23
C PHE A 818 26.10 16.82 -11.08
N GLN A 819 25.61 15.57 -11.04
CA GLN A 819 26.04 14.58 -10.08
C GLN A 819 26.22 13.25 -10.84
N ALA A 820 27.39 12.62 -10.71
CA ALA A 820 27.66 11.36 -11.38
C ALA A 820 26.79 10.24 -10.78
N GLY A 821 26.39 9.32 -11.65
CA GLY A 821 25.77 8.09 -11.22
C GLY A 821 26.73 7.10 -10.57
N GLY A 822 26.16 6.17 -9.83
CA GLY A 822 26.91 5.06 -9.27
C GLY A 822 27.74 5.39 -8.08
N GLU A 823 27.28 6.35 -7.28
CA GLU A 823 27.98 6.65 -6.04
C GLU A 823 27.04 7.08 -4.92
N ARG A 824 27.55 6.91 -3.71
CA ARG A 824 26.84 7.30 -2.50
CA ARG A 824 26.89 7.25 -2.48
C ARG A 824 27.59 8.48 -1.91
N LYS A 825 26.83 9.50 -1.52
CA LYS A 825 27.44 10.64 -0.86
C LYS A 825 26.47 11.37 0.03
N VAL A 826 27.05 12.19 0.90
CA VAL A 826 26.27 13.02 1.81
C VAL A 826 25.89 14.28 1.05
N ILE A 827 24.59 14.55 1.00
CA ILE A 827 24.01 15.64 0.23
C ILE A 827 23.32 16.62 1.19
N GLU A 828 23.55 17.92 0.95
CA GLU A 828 22.94 18.95 1.76
C GLU A 828 21.41 18.95 1.64
N ALA A 829 20.76 19.17 2.77
CA ALA A 829 19.31 19.15 2.87
C ALA A 829 18.88 20.19 3.89
N PRO A 830 18.89 21.48 3.48
CA PRO A 830 18.43 22.51 4.41
C PRO A 830 17.00 22.28 4.86
N TYR A 831 16.64 22.87 6.01
CA TYR A 831 15.29 22.79 6.55
C TYR A 831 14.22 22.90 5.44
N GLU A 832 14.36 23.88 4.55
CA GLU A 832 13.31 24.21 3.58
C GLU A 832 13.31 23.36 2.30
N ARG A 833 14.25 22.44 2.15
CA ARG A 833 14.38 21.69 0.92
C ARG A 833 14.53 20.18 1.10
N ILE A 834 13.80 19.45 0.27
CA ILE A 834 13.98 17.99 0.13
C ILE A 834 14.96 17.72 -1.00
N PRO A 835 15.97 16.86 -0.77
CA PRO A 835 16.85 16.53 -1.89
C PRO A 835 16.10 15.93 -3.08
N LEU A 836 16.32 16.51 -4.24
CA LEU A 836 15.51 16.22 -5.43
C LEU A 836 16.43 16.29 -6.64
N TYR A 837 16.55 15.19 -7.35
CA TYR A 837 17.40 15.08 -8.50
C TYR A 837 16.64 14.64 -9.72
N VAL A 838 17.15 14.98 -10.90
CA VAL A 838 16.52 14.66 -12.17
C VAL A 838 17.51 13.79 -12.97
N ARG A 839 16.99 12.70 -13.52
CA ARG A 839 17.78 11.77 -14.32
CA ARG A 839 17.74 11.76 -14.35
C ARG A 839 18.16 12.39 -15.69
N ALA A 840 19.41 12.19 -16.12
CA ALA A 840 19.79 12.54 -17.48
C ALA A 840 18.83 11.84 -18.45
N GLY A 841 18.42 12.56 -19.50
CA GLY A 841 17.44 12.10 -20.46
C GLY A 841 16.03 12.56 -20.16
N ALA A 842 15.81 13.17 -18.99
CA ALA A 842 14.49 13.62 -18.66
C ALA A 842 13.97 14.74 -19.57
N ILE A 843 12.71 14.60 -19.98
CA ILE A 843 11.96 15.64 -20.69
C ILE A 843 10.79 15.94 -19.75
N ILE A 844 10.76 17.12 -19.18
CA ILE A 844 9.76 17.43 -18.15
C ILE A 844 8.99 18.71 -18.48
N PRO A 845 7.65 18.60 -18.62
CA PRO A 845 6.85 19.78 -18.82
C PRO A 845 6.41 20.46 -17.54
N PHE A 846 6.68 21.76 -17.43
CA PHE A 846 6.23 22.57 -16.33
C PHE A 846 5.28 23.67 -16.83
N GLY A 847 4.25 23.92 -16.05
CA GLY A 847 3.33 24.99 -16.34
C GLY A 847 3.40 26.15 -15.36
N ASP A 848 2.63 27.17 -15.69
CA ASP A 848 2.57 28.37 -14.89
C ASP A 848 1.81 28.14 -13.56
N ASP A 849 1.97 29.06 -12.65
CA ASP A 849 1.21 29.04 -11.41
C ASP A 849 -0.28 29.03 -11.68
N ILE A 850 -0.97 28.16 -10.95
CA ILE A 850 -2.45 28.06 -10.99
C ILE A 850 -2.92 27.84 -9.56
N GLN A 851 -4.17 28.21 -9.27
CA GLN A 851 -4.74 28.03 -7.93
C GLN A 851 -5.38 26.65 -7.70
N TYR A 852 -5.68 25.95 -8.78
CA TYR A 852 -6.36 24.68 -8.77
C TYR A 852 -6.17 24.08 -10.17
N THR A 853 -6.33 22.77 -10.29
CA THR A 853 -6.10 22.11 -11.58
C THR A 853 -7.00 22.76 -12.66
N ASP A 854 -6.41 22.97 -13.82
CA ASP A 854 -7.11 23.59 -14.93
C ASP A 854 -7.71 24.99 -14.63
N GLU A 855 -7.14 25.74 -13.67
CA GLU A 855 -7.61 27.12 -13.48
C GLU A 855 -7.49 27.87 -14.79
N LYS A 856 -6.37 27.67 -15.47
CA LYS A 856 -6.08 28.24 -16.76
C LYS A 856 -5.57 27.15 -17.66
N PRO A 857 -5.79 27.28 -18.98
CA PRO A 857 -5.16 26.34 -19.89
C PRO A 857 -3.63 26.42 -19.82
N ALA A 858 -2.95 25.29 -20.04
CA ALA A 858 -1.48 25.24 -19.98
C ALA A 858 -0.89 25.76 -21.29
N GLU A 859 -1.19 27.02 -21.61
CA GLU A 859 -0.83 27.58 -22.90
C GLU A 859 0.66 27.66 -23.09
N HIS A 860 1.38 28.01 -22.02
CA HIS A 860 2.83 28.12 -22.04
C HIS A 860 3.46 27.08 -21.10
N ILE A 861 4.08 26.06 -21.69
CA ILE A 861 4.78 25.03 -20.96
C ILE A 861 6.26 25.25 -21.16
N ARG A 862 7.01 25.12 -20.06
CA ARG A 862 8.48 25.03 -20.16
C ARG A 862 8.85 23.55 -20.27
N LEU A 863 9.46 23.19 -21.38
CA LEU A 863 9.89 21.82 -21.59
C LEU A 863 11.36 21.76 -21.24
N TYR A 864 11.64 21.25 -20.05
CA TYR A 864 13.03 21.11 -19.63
C TYR A 864 13.60 19.82 -20.18
N ILE A 865 14.78 19.94 -20.78
CA ILE A 865 15.51 18.80 -21.34
C ILE A 865 16.80 18.64 -20.57
N TYR A 866 16.87 17.61 -19.76
CA TYR A 866 18.07 17.30 -18.98
C TYR A 866 18.92 16.39 -19.85
N GLN A 867 19.97 16.95 -20.41
CA GLN A 867 20.75 16.27 -21.41
C GLN A 867 21.73 15.26 -20.82
N GLY A 868 22.33 14.47 -21.71
CA GLY A 868 23.32 13.50 -21.37
C GLY A 868 22.91 12.07 -21.63
N ALA A 869 21.65 11.86 -21.98
CA ALA A 869 21.12 10.55 -22.32
C ALA A 869 19.89 10.74 -23.17
N ASP A 870 19.52 9.69 -23.92
CA ASP A 870 18.27 9.69 -24.68
C ASP A 870 17.08 9.74 -23.73
N GLY A 871 15.97 10.29 -24.22
CA GLY A 871 14.78 10.28 -23.43
C GLY A 871 13.52 10.40 -24.25
N GLU A 872 12.40 10.09 -23.59
CA GLU A 872 11.07 10.14 -24.23
C GLU A 872 10.08 10.54 -23.15
N PHE A 873 9.04 11.24 -23.54
CA PHE A 873 7.96 11.58 -22.67
C PHE A 873 6.76 11.92 -23.51
N THR A 874 5.56 11.55 -23.07
CA THR A 874 4.35 11.95 -23.76
C THR A 874 3.49 12.82 -22.87
N LEU A 875 3.20 14.02 -23.36
CA LEU A 875 2.30 14.92 -22.68
C LEU A 875 0.88 14.48 -22.96
N TYR A 876 0.15 14.17 -21.90
CA TYR A 876 -1.21 13.70 -21.95
C TYR A 876 -2.18 14.75 -21.40
N GLU A 877 -3.27 14.98 -22.15
CA GLU A 877 -4.36 15.86 -21.71
C GLU A 877 -5.70 15.30 -22.12
N ASP A 878 -6.73 15.64 -21.35
CA ASP A 878 -8.10 15.27 -21.63
C ASP A 878 -9.00 16.17 -20.83
N GLU A 879 -10.30 15.87 -20.78
CA GLU A 879 -11.26 16.71 -20.10
C GLU A 879 -11.20 16.66 -18.58
N GLY A 880 -10.44 15.72 -18.03
CA GLY A 880 -10.10 15.73 -16.61
C GLY A 880 -11.13 15.15 -15.65
N VAL A 881 -12.40 15.26 -16.00
CA VAL A 881 -13.48 15.07 -15.07
C VAL A 881 -14.46 13.94 -15.42
N ASN A 882 -14.33 13.41 -16.62
CA ASN A 882 -15.26 12.42 -17.15
C ASN A 882 -14.50 11.30 -17.84
N TYR A 883 -15.22 10.24 -18.24
CA TYR A 883 -14.59 9.05 -18.82
C TYR A 883 -14.55 9.08 -20.34
N ASN A 884 -14.57 10.27 -20.93
CA ASN A 884 -14.55 10.37 -22.38
C ASN A 884 -13.26 9.87 -23.00
N TYR A 885 -12.17 9.84 -22.22
CA TYR A 885 -10.92 9.27 -22.78
C TYR A 885 -11.08 7.78 -23.14
N GLU A 886 -12.01 7.10 -22.47
CA GLU A 886 -12.33 5.69 -22.80
C GLU A 886 -12.85 5.50 -24.23
N GLN A 887 -13.43 6.57 -24.79
CA GLN A 887 -13.95 6.59 -26.18
C GLN A 887 -13.02 7.35 -27.16
N GLY A 888 -11.79 7.61 -26.73
CA GLY A 888 -10.75 8.17 -27.57
C GLY A 888 -10.65 9.69 -27.51
N MET A 889 -11.38 10.31 -26.59
CA MET A 889 -11.35 11.77 -26.46
C MET A 889 -10.24 12.16 -25.48
N TYR A 890 -9.04 12.27 -26.03
CA TYR A 890 -7.85 12.68 -25.31
C TYR A 890 -6.82 13.05 -26.34
N ALA A 891 -5.74 13.69 -25.88
CA ALA A 891 -4.63 13.99 -26.77
C ALA A 891 -3.29 13.67 -26.16
N MET A 892 -2.41 13.14 -27.01
CA MET A 892 -1.05 12.86 -26.63
C MET A 892 -0.08 13.63 -27.55
N ILE A 893 0.95 14.22 -26.94
CA ILE A 893 2.02 14.88 -27.66
C ILE A 893 3.29 14.14 -27.30
N PRO A 894 3.75 13.22 -28.19
CA PRO A 894 4.96 12.48 -27.84
C PRO A 894 6.21 13.29 -28.13
N MET A 895 7.18 13.18 -27.23
CA MET A 895 8.42 13.90 -27.37
C MET A 895 9.58 12.90 -27.25
N LYS A 896 10.63 13.13 -28.07
CA LYS A 896 11.78 12.24 -28.06
C LYS A 896 13.04 13.07 -28.16
N TYR A 897 14.04 12.70 -27.35
CA TYR A 897 15.31 13.39 -27.33
C TYR A 897 16.42 12.38 -27.60
N ASP A 898 17.27 12.72 -28.56
CA ASP A 898 18.45 11.92 -28.93
C ASP A 898 19.71 12.68 -28.44
N GLU A 899 20.46 12.08 -27.53
CA GLU A 899 21.66 12.70 -27.00
C GLU A 899 22.77 12.83 -28.05
N ALA A 900 22.96 11.83 -28.88
CA ALA A 900 24.10 11.82 -29.80
C ALA A 900 24.10 13.00 -30.76
N THR A 901 22.88 13.41 -31.16
CA THR A 901 22.69 14.55 -32.07
C THR A 901 22.07 15.79 -31.41
N LYS A 902 21.83 15.71 -30.10
CA LYS A 902 21.22 16.79 -29.30
C LYS A 902 19.94 17.27 -29.98
N THR A 903 19.11 16.34 -30.40
CA THR A 903 17.89 16.65 -31.16
C THR A 903 16.66 16.32 -30.33
N LEU A 904 15.72 17.27 -30.29
CA LEU A 904 14.41 17.05 -29.65
C LEU A 904 13.34 17.06 -30.75
N VAL A 905 12.51 16.02 -30.80
CA VAL A 905 11.32 16.02 -31.66
C VAL A 905 10.10 16.20 -30.77
N ILE A 906 9.33 17.24 -31.10
CA ILE A 906 8.01 17.44 -30.49
C ILE A 906 7.07 16.89 -31.53
N GLY A 907 6.48 15.74 -31.22
CA GLY A 907 5.74 14.98 -32.19
C GLY A 907 4.40 15.56 -32.60
N GLU A 908 3.89 15.03 -33.70
CA GLU A 908 2.54 15.33 -34.13
C GLU A 908 1.55 14.91 -33.04
N ARG A 909 0.59 15.78 -32.74
CA ARG A 909 -0.39 15.50 -31.68
C ARG A 909 -1.32 14.39 -32.17
N GLN A 910 -1.63 13.47 -31.28
CA GLN A 910 -2.50 12.34 -31.52
C GLN A 910 -3.75 12.52 -30.68
N GLY A 911 -4.88 12.58 -31.34
CA GLY A 911 -6.19 12.76 -30.70
C GLY A 911 -6.63 14.19 -30.44
N GLU A 912 -7.88 14.37 -30.08
CA GLU A 912 -8.42 15.65 -29.67
C GLU A 912 -9.55 15.42 -28.71
N PHE A 913 -9.91 16.50 -28.04
CA PHE A 913 -11.00 16.45 -27.10
C PHE A 913 -11.59 17.85 -26.91
N PRO A 914 -12.80 17.94 -26.38
CA PRO A 914 -13.44 19.25 -26.14
C PRO A 914 -12.67 20.14 -25.18
N GLY A 915 -12.35 21.36 -25.63
CA GLY A 915 -11.61 22.33 -24.83
C GLY A 915 -10.08 22.22 -24.91
N MET A 916 -9.58 21.30 -25.74
CA MET A 916 -8.15 21.12 -25.97
C MET A 916 -7.56 22.39 -26.62
N LEU A 917 -6.37 22.76 -26.18
CA LEU A 917 -5.62 23.81 -26.85
C LEU A 917 -5.19 23.30 -28.22
N LYS A 918 -5.61 23.97 -29.28
CA LYS A 918 -5.13 23.65 -30.63
C LYS A 918 -3.72 24.22 -30.87
N GLU A 919 -3.53 25.47 -30.41
CA GLU A 919 -2.28 26.18 -30.51
C GLU A 919 -1.78 26.48 -29.11
N ARG A 920 -0.47 26.38 -28.92
CA ARG A 920 0.15 26.59 -27.62
C ARG A 920 1.63 26.91 -27.82
N THR A 921 2.33 27.20 -26.73
CA THR A 921 3.68 27.60 -26.75
C THR A 921 4.51 26.69 -25.83
N PHE A 922 5.69 26.27 -26.32
CA PHE A 922 6.68 25.63 -25.50
C PHE A 922 7.94 26.47 -25.49
N THR A 923 8.55 26.61 -24.34
CA THR A 923 9.89 27.14 -24.23
C THR A 923 10.76 25.97 -23.83
N VAL A 924 11.68 25.63 -24.71
CA VAL A 924 12.55 24.47 -24.51
C VAL A 924 13.84 24.92 -23.82
N VAL A 925 14.07 24.39 -22.61
CA VAL A 925 15.13 24.80 -21.75
C VAL A 925 16.07 23.63 -21.50
N THR A 926 17.36 23.80 -21.76
CA THR A 926 18.31 22.73 -21.56
C THR A 926 19.07 22.84 -20.27
N VAL A 927 19.40 21.68 -19.72
CA VAL A 927 20.28 21.52 -18.56
C VAL A 927 21.31 20.50 -18.96
N ASN A 928 22.59 20.80 -18.75
CA ASN A 928 23.63 19.82 -19.11
C ASN A 928 24.84 19.96 -18.24
N LYS A 929 25.81 19.09 -18.45
CA LYS A 929 26.98 19.05 -17.59
C LYS A 929 27.77 20.35 -17.58
N GLU A 930 27.71 21.10 -18.70
CA GLU A 930 28.36 22.38 -18.85
C GLU A 930 27.42 23.57 -18.65
N LYS A 931 26.18 23.28 -18.26
CA LYS A 931 25.16 24.30 -18.12
C LYS A 931 24.21 24.01 -16.95
N ALA A 932 24.60 24.48 -15.77
CA ALA A 932 23.81 24.26 -14.52
C ALA A 932 22.70 25.28 -14.44
N GLN A 933 21.58 24.92 -15.03
CA GLN A 933 20.38 25.75 -15.11
C GLN A 933 19.47 25.44 -13.92
N PRO A 934 19.38 26.36 -12.94
CA PRO A 934 18.40 26.19 -11.86
C PRO A 934 16.99 26.09 -12.40
N PHE A 935 16.14 25.34 -11.71
CA PHE A 935 14.73 25.40 -12.13
C PHE A 935 14.25 26.85 -12.03
N ASP A 936 13.63 27.31 -13.11
CA ASP A 936 13.21 28.72 -13.24
C ASP A 936 12.18 28.74 -14.34
N LEU A 937 10.96 29.14 -14.02
CA LEU A 937 9.95 29.33 -15.08
C LEU A 937 10.35 30.35 -16.11
N ASN A 938 11.21 31.31 -15.75
CA ASN A 938 11.63 32.34 -16.68
C ASN A 938 12.98 32.02 -17.33
N ALA A 939 13.41 30.76 -17.28
CA ALA A 939 14.69 30.37 -17.89
C ALA A 939 14.68 30.68 -19.39
N LYS A 940 15.84 31.10 -19.86
CA LYS A 940 16.08 31.32 -21.25
C LYS A 940 16.01 29.99 -21.99
N GLY A 941 15.32 29.98 -23.13
CA GLY A 941 15.31 28.81 -23.99
C GLY A 941 14.72 29.13 -25.36
N VAL A 942 14.37 28.10 -26.12
CA VAL A 942 13.91 28.24 -27.51
C VAL A 942 12.39 28.23 -27.50
N THR A 943 11.78 29.25 -28.07
CA THR A 943 10.31 29.37 -28.14
C THR A 943 9.83 28.62 -29.36
N VAL A 944 8.85 27.73 -29.13
CA VAL A 944 8.19 26.96 -30.17
C VAL A 944 6.69 27.29 -30.12
N LYS A 945 6.12 27.77 -31.22
CA LYS A 945 4.67 27.93 -31.36
C LYS A 945 4.16 26.68 -32.05
N TYR A 946 3.41 25.87 -31.28
CA TYR A 946 2.98 24.54 -31.68
C TYR A 946 1.52 24.50 -31.99
N ASN A 947 1.16 23.88 -33.13
CA ASN A 947 -0.25 23.78 -33.52
C ASN A 947 -0.71 22.35 -33.78
N GLY A 948 0.07 21.38 -33.27
CA GLY A 948 -0.25 19.99 -33.47
C GLY A 948 0.66 19.30 -34.46
N SER A 949 1.34 20.06 -35.29
CA SER A 949 2.26 19.51 -36.30
CA SER A 949 2.25 19.48 -36.28
C SER A 949 3.66 19.29 -35.67
N GLU A 950 4.34 18.23 -36.09
CA GLU A 950 5.67 17.90 -35.60
C GLU A 950 6.66 19.03 -35.86
N GLN A 951 7.54 19.27 -34.88
CA GLN A 951 8.69 20.14 -35.05
C GLN A 951 9.91 19.48 -34.45
N THR A 952 11.07 19.79 -35.06
CA THR A 952 12.34 19.22 -34.60
C THR A 952 13.34 20.33 -34.25
N LEU A 953 14.01 20.17 -33.10
CA LEU A 953 14.92 21.20 -32.68
C LEU A 953 16.29 20.52 -32.51
N LYS A 954 17.30 21.20 -33.02
CA LYS A 954 18.70 20.83 -32.82
C LYS A 954 19.21 21.78 -31.78
N LEU A 955 19.50 21.22 -30.62
CA LEU A 955 20.01 21.94 -29.50
C LEU A 955 21.56 21.90 -29.53
NI NI B . -32.33 6.59 3.59
C1 EDO C . -10.08 -10.78 22.08
O1 EDO C . -9.02 -9.96 22.39
C2 EDO C . -11.33 -9.97 22.09
O2 EDO C . -11.64 -9.35 23.31
C1 EDO D . -11.60 30.35 -7.08
O1 EDO D . -11.54 30.89 -8.34
C2 EDO D . -11.52 31.34 -6.16
O2 EDO D . -12.33 31.18 -5.19
C1 EDO E . 20.61 -4.15 28.64
O1 EDO E . 20.61 -2.92 27.97
C2 EDO E . 19.60 -5.10 28.05
O2 EDO E . 20.17 -5.74 26.99
C1 EDO F . 19.86 -9.12 -3.44
O1 EDO F . 19.48 -7.83 -2.99
C2 EDO F . 19.16 -10.20 -2.68
O2 EDO F . 17.85 -9.82 -2.29
C1 EDO G . 16.00 -16.71 -11.34
O1 EDO G . 17.28 -16.31 -11.91
C2 EDO G . 15.91 -18.21 -11.62
O2 EDO G . 16.94 -18.97 -10.97
N1 EPE H . -10.76 5.87 17.14
C2 EPE H . -11.85 6.62 17.81
C3 EPE H . -11.50 7.14 19.23
N4 EPE H . -10.94 6.07 20.07
C5 EPE H . -9.78 5.51 19.37
C6 EPE H . -10.18 4.86 18.06
C7 EPE H . -10.49 6.59 21.38
C8 EPE H . -10.55 5.49 22.46
O8 EPE H . -9.31 5.44 23.20
C9 EPE H . -11.27 5.25 15.91
C10 EPE H . -11.14 3.71 15.68
S EPE H . -11.32 3.32 14.03
O1S EPE H . -12.58 2.54 13.86
O2S EPE H . -11.44 4.66 13.39
O3S EPE H . -10.11 2.61 13.54
O5 B9D I . -11.42 7.50 11.74
C5 B9D I . -11.05 6.74 10.62
F1 B9D I . -12.90 9.06 11.08
C4 B9D I . -9.76 7.29 9.99
O4 B9D I . -8.63 6.37 10.13
C3 B9D I . -9.37 8.66 10.55
O3 B9D I . -8.50 9.30 9.56
C2 B9D I . -10.65 9.49 10.59
O2 B9D I . -10.27 10.83 10.96
C1 B9D I . -11.65 8.87 11.57
C6 B9D I . -11.68 9.45 12.96
O6 B9D I . -10.48 9.17 13.67
#